data_4M9Q
#
_entry.id   4M9Q
#
_cell.length_a   48.050
_cell.length_b   76.830
_cell.length_c   172.920
_cell.angle_alpha   90.00
_cell.angle_beta   90.00
_cell.angle_gamma   90.00
#
_symmetry.space_group_name_H-M   'P 21 21 21'
#
loop_
_entity.id
_entity.type
_entity.pdbx_description
1 polymer 'ARF-like GTPase'
2 non-polymer 'PHOSPHOAMINOPHOSPHONIC ACID-GUANYLATE ESTER'
3 non-polymer 'MAGNESIUM ION'
4 non-polymer 'SULFATE ION'
5 water water
#
_entity_poly.entity_id   1
_entity_poly.type   'polypeptide(L)'
_entity_poly.pdbx_seq_one_letter_code
;GPRKITIALLGLDNAGKTTLLNSIQGEVDRDTTPTFGFNSTTLNEGKYKIEVFDLGGGKNIRGVWKKYLAEVHAIVYVVD
AADPGRFEESKMTMAEVLENQFMRDKPICIFANKQDLPTAAPAAEVVKGLGLATCRNSHNVFPCTAKMPAGQDVDHRLRD
GLKWLVGTVDREFGRLDPRVQTEAEEVRQEEARKKKEREERLRKQREERLRQQKEEEERAREVEKEN
;
_entity_poly.pdbx_strand_id   A,B,C
#
loop_
_chem_comp.id
_chem_comp.type
_chem_comp.name
_chem_comp.formula
GNP non-polymer 'PHOSPHOAMINOPHOSPHONIC ACID-GUANYLATE ESTER' 'C10 H17 N6 O13 P3'
MG non-polymer 'MAGNESIUM ION' 'Mg 2'
SO4 non-polymer 'SULFATE ION' 'O4 S -2'
#
# COMPACT_ATOMS: atom_id res chain seq x y z
N GLY A 1 -18.90 1.32 -15.52
CA GLY A 1 -17.43 1.27 -15.26
C GLY A 1 -17.09 0.52 -13.97
N PRO A 2 -15.80 0.15 -13.81
CA PRO A 2 -15.43 -0.68 -12.70
C PRO A 2 -15.18 0.11 -11.45
N ARG A 3 -15.34 -0.55 -10.35
CA ARG A 3 -15.03 0.00 -9.06
C ARG A 3 -13.56 0.25 -8.96
N LYS A 4 -13.19 1.27 -8.18
CA LYS A 4 -11.81 1.70 -7.99
C LYS A 4 -11.43 1.57 -6.53
N ILE A 5 -10.30 0.90 -6.28
CA ILE A 5 -9.62 0.84 -4.98
C ILE A 5 -8.38 1.69 -5.11
N THR A 6 -7.96 2.37 -4.04
CA THR A 6 -6.70 3.07 -4.05
C THR A 6 -5.86 2.45 -2.92
N ILE A 7 -4.57 2.27 -3.19
CA ILE A 7 -3.67 1.63 -2.27
C ILE A 7 -2.41 2.44 -2.18
N ALA A 8 -1.87 2.58 -0.97
CA ALA A 8 -0.54 3.24 -0.78
C ALA A 8 0.44 2.17 -0.53
N LEU A 9 1.58 2.26 -1.20
N LEU A 9 1.56 2.25 -1.22
CA LEU A 9 2.68 1.27 -1.06
CA LEU A 9 2.63 1.27 -1.02
C LEU A 9 3.70 1.92 -0.16
C LEU A 9 3.68 1.95 -0.14
N LEU A 10 3.80 1.45 1.07
CA LEU A 10 4.59 2.11 2.08
C LEU A 10 5.63 1.13 2.61
N GLY A 11 6.53 1.65 3.45
CA GLY A 11 7.65 0.87 3.98
C GLY A 11 8.92 1.69 3.94
N LEU A 12 9.95 1.28 4.66
CA LEU A 12 11.16 2.08 4.80
C LEU A 12 11.88 2.15 3.47
N ASP A 13 12.77 3.12 3.35
CA ASP A 13 13.63 3.19 2.20
C ASP A 13 14.39 1.85 2.11
N ASN A 14 14.58 1.39 0.88
CA ASN A 14 15.33 0.20 0.59
C ASN A 14 14.55 -1.12 0.75
N ALA A 15 13.29 -1.02 1.15
CA ALA A 15 12.51 -2.21 1.43
C ALA A 15 12.20 -2.99 0.13
N GLY A 16 12.01 -2.22 -0.95
CA GLY A 16 11.77 -2.78 -2.28
C GLY A 16 10.43 -2.45 -2.89
N LYS A 17 9.85 -1.30 -2.53
CA LYS A 17 8.50 -0.91 -2.93
C LYS A 17 8.48 -0.65 -4.43
N THR A 18 9.38 0.20 -4.90
CA THR A 18 9.39 0.54 -6.30
C THR A 18 9.63 -0.73 -7.16
N THR A 19 10.53 -1.60 -6.74
CA THR A 19 10.80 -2.85 -7.48
C THR A 19 9.57 -3.75 -7.44
N LEU A 20 8.88 -3.76 -6.32
CA LEU A 20 7.70 -4.58 -6.17
C LEU A 20 6.59 -4.06 -7.07
N LEU A 21 6.43 -2.76 -7.11
CA LEU A 21 5.45 -2.19 -8.01
C LEU A 21 5.72 -2.52 -9.46
N ASN A 22 6.95 -2.33 -9.91
CA ASN A 22 7.35 -2.76 -11.24
C ASN A 22 7.01 -4.21 -11.46
N SER A 23 7.43 -5.10 -10.58
CA SER A 23 7.25 -6.53 -10.80
C SER A 23 5.80 -6.94 -10.80
N ILE A 24 4.98 -6.21 -10.06
CA ILE A 24 3.57 -6.55 -9.98
C ILE A 24 2.85 -6.19 -11.28
N GLN A 25 3.38 -5.16 -11.95
N GLN A 25 3.31 -5.18 -12.01
CA GLN A 25 2.96 -4.72 -13.29
CA GLN A 25 2.73 -4.95 -13.31
C GLN A 25 3.68 -5.48 -14.43
C GLN A 25 3.66 -5.49 -14.42
N GLY A 26 4.27 -6.63 -14.15
CA GLY A 26 4.87 -7.48 -15.19
C GLY A 26 6.26 -7.12 -15.61
N GLU A 27 6.59 -5.84 -15.64
CA GLU A 27 7.95 -5.44 -16.05
C GLU A 27 8.96 -5.89 -14.98
N ASP A 29 11.64 -6.77 -14.80
CA ASP A 29 12.95 -6.24 -14.43
C ASP A 29 13.19 -4.86 -15.04
N ARG A 30 13.51 -3.93 -14.17
CA ARG A 30 13.85 -2.55 -14.50
C ARG A 30 14.82 -2.06 -13.45
N ASP A 31 15.40 -0.90 -13.70
CA ASP A 31 16.29 -0.28 -12.75
C ASP A 31 15.51 0.75 -11.96
N THR A 32 15.94 0.94 -10.71
CA THR A 32 15.26 1.81 -9.78
C THR A 32 16.27 2.61 -9.00
N THR A 33 15.92 3.85 -8.71
CA THR A 33 16.70 4.69 -7.82
C THR A 33 15.77 5.01 -6.67
N PRO A 34 16.31 5.44 -5.54
CA PRO A 34 15.46 5.93 -4.47
C PRO A 34 14.36 6.89 -4.92
N THR A 35 13.16 6.68 -4.42
CA THR A 35 12.03 7.50 -4.78
C THR A 35 12.01 8.76 -3.90
N PHE A 36 12.31 9.92 -4.49
N PHE A 36 12.26 9.91 -4.51
CA PHE A 36 12.15 11.21 -3.82
CA PHE A 36 12.11 11.16 -3.80
C PHE A 36 10.91 11.87 -4.39
C PHE A 36 10.91 11.86 -4.40
N GLY A 37 9.75 11.25 -4.19
CA GLY A 37 8.49 11.80 -4.63
C GLY A 37 7.59 10.59 -4.56
N PHE A 38 6.90 10.32 -5.67
CA PHE A 38 6.22 9.09 -5.85
C PHE A 38 5.98 8.64 -7.31
N ASN A 39 5.73 7.35 -7.43
CA ASN A 39 5.31 6.71 -8.66
C ASN A 39 3.84 6.29 -8.45
N SER A 40 3.07 6.24 -9.52
CA SER A 40 1.62 6.03 -9.48
C SER A 40 1.32 5.14 -10.63
N THR A 41 0.62 4.04 -10.42
CA THR A 41 0.12 3.27 -11.55
C THR A 41 -1.21 2.61 -11.23
N THR A 42 -1.77 1.93 -12.22
CA THR A 42 -3.06 1.31 -12.13
C THR A 42 -2.97 -0.16 -12.50
N LEU A 43 -3.66 -0.99 -11.72
CA LEU A 43 -3.64 -2.43 -11.87
C LEU A 43 -5.07 -2.91 -12.01
N ASN A 44 -5.24 -4.07 -12.63
CA ASN A 44 -6.51 -4.79 -12.61
C ASN A 44 -6.41 -6.03 -11.71
N GLU A 45 -7.38 -6.22 -10.84
CA GLU A 45 -7.43 -7.40 -10.00
C GLU A 45 -8.85 -7.72 -9.70
N GLY A 46 -9.30 -8.86 -10.22
CA GLY A 46 -10.67 -9.18 -10.29
C GLY A 46 -11.44 -8.05 -10.90
N LYS A 47 -12.40 -7.61 -10.11
CA LYS A 47 -13.47 -6.72 -10.45
C LYS A 47 -13.08 -5.27 -10.15
N TYR A 48 -11.83 -5.06 -9.76
CA TYR A 48 -11.36 -3.73 -9.35
C TYR A 48 -10.23 -3.14 -10.20
N LYS A 49 -10.33 -1.84 -10.40
CA LYS A 49 -9.26 -1.04 -10.94
C LYS A 49 -8.53 -0.56 -9.70
N ILE A 50 -7.23 -0.78 -9.59
CA ILE A 50 -6.46 -0.44 -8.38
C ILE A 50 -5.43 0.61 -8.73
N GLU A 51 -5.59 1.79 -8.13
CA GLU A 51 -4.63 2.84 -8.17
C GLU A 51 -3.59 2.63 -7.07
N VAL A 52 -2.32 2.47 -7.46
CA VAL A 52 -1.25 2.27 -6.50
C VAL A 52 -0.30 3.45 -6.41
N PHE A 53 -0.14 4.03 -5.22
CA PHE A 53 0.81 5.12 -4.98
C PHE A 53 2.07 4.57 -4.28
N ASP A 54 3.19 4.58 -4.98
CA ASP A 54 4.45 4.14 -4.44
C ASP A 54 5.18 5.36 -3.87
N LEU A 55 5.19 5.51 -2.57
CA LEU A 55 5.75 6.67 -1.92
C LEU A 55 7.17 6.37 -1.49
N GLY A 56 8.04 7.37 -1.54
CA GLY A 56 9.39 7.20 -1.04
C GLY A 56 9.39 6.90 0.44
N GLY A 57 10.35 6.10 0.90
CA GLY A 57 10.46 5.76 2.28
C GLY A 57 11.59 6.39 3.07
N GLY A 58 12.45 7.19 2.45
CA GLY A 58 13.51 7.88 3.17
C GLY A 58 12.97 8.71 4.31
N LYS A 59 13.78 8.87 5.36
CA LYS A 59 13.38 9.64 6.58
C LYS A 59 12.92 11.03 6.33
N ASN A 60 13.55 11.73 5.37
N ASN A 60 13.69 11.70 5.47
CA ASN A 60 13.08 13.07 4.95
CA ASN A 60 13.34 12.99 4.90
C ASN A 60 11.87 13.08 3.94
C ASN A 60 11.86 13.14 4.50
N ILE A 61 11.43 11.92 3.45
N ILE A 61 11.35 12.14 3.78
CA ILE A 61 10.20 11.88 2.63
CA ILE A 61 10.12 12.34 3.06
C ILE A 61 8.97 11.38 3.43
C ILE A 61 8.95 11.45 3.50
N ARG A 62 9.21 10.58 4.48
CA ARG A 62 8.15 9.79 5.22
C ARG A 62 6.90 10.60 5.70
N GLY A 63 7.10 11.86 6.02
CA GLY A 63 6.00 12.69 6.49
C GLY A 63 4.87 12.88 5.48
N VAL A 64 5.18 12.68 4.22
CA VAL A 64 4.22 12.76 3.15
C VAL A 64 3.18 11.67 3.25
N TRP A 65 3.53 10.52 3.82
CA TRP A 65 2.59 9.40 3.85
C TRP A 65 1.27 9.81 4.38
N LYS A 66 1.23 10.56 5.50
CA LYS A 66 -0.06 10.86 6.09
C LYS A 66 -0.97 11.66 5.19
N LYS A 67 -0.42 12.29 4.17
CA LYS A 67 -1.25 13.10 3.26
C LYS A 67 -2.08 12.23 2.33
N TYR A 68 -1.79 10.93 2.31
CA TYR A 68 -2.49 9.98 1.47
C TYR A 68 -3.45 9.09 2.23
N LEU A 69 -3.40 9.09 3.54
CA LEU A 69 -4.06 7.97 4.24
C LEU A 69 -5.56 8.09 4.22
N ALA A 70 -6.05 9.31 3.95
CA ALA A 70 -7.49 9.58 3.86
C ALA A 70 -8.08 9.08 2.56
N GLU A 71 -7.28 9.09 1.49
CA GLU A 71 -7.80 8.67 0.18
C GLU A 71 -7.51 7.19 -0.17
N VAL A 72 -7.08 6.42 0.80
N VAL A 72 -6.97 6.43 0.76
CA VAL A 72 -6.61 5.06 0.55
CA VAL A 72 -6.62 5.04 0.45
C VAL A 72 -7.58 4.06 1.19
C VAL A 72 -7.58 4.07 1.14
N HIS A 73 -7.81 2.93 0.50
CA HIS A 73 -8.67 1.91 1.03
C HIS A 73 -7.88 0.91 1.79
N ALA A 74 -6.58 0.77 1.47
CA ALA A 74 -5.74 -0.26 2.06
C ALA A 74 -4.30 0.12 1.86
N ILE A 75 -3.42 -0.64 2.52
N ILE A 75 -3.39 -0.64 2.49
CA ILE A 75 -1.99 -0.39 2.47
CA ILE A 75 -1.98 -0.33 2.38
C ILE A 75 -1.26 -1.66 2.06
C ILE A 75 -1.12 -1.56 2.21
N VAL A 76 -0.22 -1.53 1.24
CA VAL A 76 0.76 -2.57 1.12
C VAL A 76 1.96 -2.03 1.90
N TYR A 77 2.41 -2.72 2.96
CA TYR A 77 3.58 -2.34 3.68
C TYR A 77 4.70 -3.34 3.37
N VAL A 78 5.85 -2.86 2.91
CA VAL A 78 6.93 -3.72 2.48
C VAL A 78 8.06 -3.58 3.47
N VAL A 79 8.59 -4.74 3.88
CA VAL A 79 9.69 -4.80 4.82
C VAL A 79 10.83 -5.51 4.13
N ASP A 80 12.05 -5.02 4.35
CA ASP A 80 13.22 -5.77 3.87
C ASP A 80 13.45 -6.85 4.90
N ALA A 81 13.05 -8.07 4.54
CA ALA A 81 13.08 -9.16 5.47
C ALA A 81 14.50 -9.60 5.79
N ALA A 82 15.46 -9.15 4.97
CA ALA A 82 16.85 -9.60 5.07
C ALA A 82 17.69 -8.59 5.81
N ASP A 83 17.03 -7.59 6.39
CA ASP A 83 17.65 -6.54 7.19
C ASP A 83 16.92 -6.37 8.54
N PRO A 84 17.06 -7.34 9.45
CA PRO A 84 16.48 -7.23 10.80
C PRO A 84 16.99 -6.04 11.62
N GLY A 85 18.15 -5.50 11.25
CA GLY A 85 18.63 -4.30 11.89
C GLY A 85 17.61 -3.18 11.82
N ARG A 86 16.70 -3.22 10.83
CA ARG A 86 15.78 -2.14 10.62
C ARG A 86 14.37 -2.47 11.05
N PHE A 87 14.19 -3.64 11.62
CA PHE A 87 12.85 -4.07 12.03
C PHE A 87 12.25 -3.12 13.01
N GLU A 88 13.04 -2.61 13.96
N GLU A 88 13.08 -2.62 13.93
CA GLU A 88 12.46 -1.75 14.98
CA GLU A 88 12.61 -1.74 15.00
C GLU A 88 12.02 -0.41 14.41
C GLU A 88 12.05 -0.43 14.43
N GLU A 89 12.77 0.19 13.48
CA GLU A 89 12.27 1.43 12.88
C GLU A 89 11.08 1.17 11.95
N SER A 90 11.05 0.01 11.32
CA SER A 90 9.93 -0.31 10.47
C SER A 90 8.70 -0.47 11.36
N LYS A 91 8.87 -1.10 12.52
CA LYS A 91 7.79 -1.21 13.49
C LYS A 91 7.27 0.18 13.95
N MET A 92 8.17 1.10 14.24
CA MET A 92 7.75 2.42 14.71
C MET A 92 7.06 3.14 13.56
N THR A 93 7.55 2.91 12.36
CA THR A 93 7.01 3.61 11.20
C THR A 93 5.59 3.13 10.88
N MET A 94 5.39 1.83 10.98
CA MET A 94 4.07 1.29 10.79
C MET A 94 3.15 1.75 11.91
N ALA A 95 3.65 1.75 13.13
CA ALA A 95 2.84 2.22 14.27
C ALA A 95 2.25 3.62 13.96
N GLU A 96 3.10 4.56 13.53
CA GLU A 96 2.67 5.88 13.18
C GLU A 96 1.51 5.86 12.15
N VAL A 97 1.62 5.01 11.14
CA VAL A 97 0.60 4.90 10.14
C VAL A 97 -0.68 4.40 10.80
N LEU A 98 -0.56 3.34 11.59
CA LEU A 98 -1.74 2.76 12.22
C LEU A 98 -2.45 3.70 13.22
N GLU A 99 -1.68 4.53 13.92
N GLU A 99 -1.70 4.53 13.94
CA GLU A 99 -2.19 5.49 14.91
CA GLU A 99 -2.29 5.45 14.93
C GLU A 99 -3.08 6.51 14.20
C GLU A 99 -3.10 6.52 14.21
N ASN A 100 -2.71 6.82 12.96
CA ASN A 100 -3.43 7.80 12.16
C ASN A 100 -4.92 7.50 12.05
N GLN A 101 -5.67 8.56 12.18
CA GLN A 101 -7.12 8.55 12.28
C GLN A 101 -7.79 7.95 11.05
N PHE A 102 -7.18 8.11 9.88
CA PHE A 102 -7.77 7.64 8.64
C PHE A 102 -7.44 6.16 8.36
N MET A 103 -6.71 5.50 9.26
CA MET A 103 -6.29 4.13 9.04
C MET A 103 -7.22 3.13 9.67
N ARG A 104 -8.10 3.56 10.53
CA ARG A 104 -8.86 2.61 11.32
C ARG A 104 -9.64 1.65 10.40
N ASP A 105 -9.65 0.35 10.72
CA ASP A 105 -10.31 -0.70 9.89
C ASP A 105 -9.80 -0.97 8.46
N LYS A 106 -8.75 -0.29 8.00
CA LYS A 106 -8.23 -0.54 6.66
C LYS A 106 -7.18 -1.67 6.73
N PRO A 107 -7.22 -2.57 5.74
CA PRO A 107 -6.34 -3.72 5.79
C PRO A 107 -4.92 -3.41 5.29
N ILE A 108 -3.96 -4.20 5.77
CA ILE A 108 -2.53 -4.07 5.44
C ILE A 108 -1.98 -5.39 4.89
N CYS A 109 -1.43 -5.33 3.70
CA CYS A 109 -0.77 -6.47 3.14
C CYS A 109 0.73 -6.23 3.39
N ILE A 110 1.36 -7.08 4.19
CA ILE A 110 2.73 -6.88 4.55
C ILE A 110 3.56 -7.84 3.73
N PHE A 111 4.48 -7.31 2.94
CA PHE A 111 5.35 -8.18 2.16
C PHE A 111 6.70 -8.30 2.84
N ALA A 112 7.05 -9.51 3.21
CA ALA A 112 8.37 -9.77 3.81
C ALA A 112 9.30 -10.00 2.64
N ASN A 113 9.83 -8.90 2.11
CA ASN A 113 10.55 -8.93 0.84
C ASN A 113 12.02 -9.41 0.93
N LYS A 114 12.58 -9.77 -0.20
CA LYS A 114 14.02 -10.13 -0.32
C LYS A 114 14.31 -11.54 0.22
N GLN A 115 13.40 -12.48 -0.03
CA GLN A 115 13.55 -13.85 0.42
C GLN A 115 14.60 -14.64 -0.35
N ASP A 116 15.17 -14.05 -1.39
CA ASP A 116 16.35 -14.62 -2.06
C ASP A 116 17.62 -14.40 -1.27
N LEU A 117 17.62 -13.42 -0.37
CA LEU A 117 18.84 -13.19 0.45
C LEU A 117 18.99 -14.22 1.58
N PRO A 118 20.18 -14.69 1.80
CA PRO A 118 20.33 -15.75 2.82
C PRO A 118 19.87 -15.39 4.25
N THR A 119 19.88 -14.12 4.64
CA THR A 119 19.43 -13.72 5.98
C THR A 119 17.94 -13.41 6.07
N ALA A 120 17.17 -13.69 5.03
CA ALA A 120 15.76 -13.34 5.02
C ALA A 120 14.94 -13.97 6.16
N ALA A 121 14.24 -13.16 6.94
CA ALA A 121 13.40 -13.64 8.02
C ALA A 121 12.09 -14.21 7.51
N PRO A 122 11.63 -15.32 8.11
CA PRO A 122 10.34 -15.84 7.70
C PRO A 122 9.16 -14.98 8.20
N ALA A 123 7.96 -15.30 7.75
CA ALA A 123 6.73 -14.54 8.12
C ALA A 123 6.55 -14.39 9.63
N ALA A 124 6.75 -15.48 10.35
CA ALA A 124 6.69 -15.46 11.80
C ALA A 124 7.60 -14.37 12.34
N GLU A 125 8.91 -14.45 12.08
CA GLU A 125 9.87 -13.43 12.55
C GLU A 125 9.37 -12.01 12.25
N VAL A 126 8.90 -11.76 11.06
CA VAL A 126 8.46 -10.41 10.70
C VAL A 126 7.20 -9.98 11.48
N VAL A 127 6.34 -10.91 11.81
CA VAL A 127 5.24 -10.62 12.71
C VAL A 127 5.69 -10.10 14.08
N LYS A 128 6.64 -10.80 14.70
CA LYS A 128 7.28 -10.34 15.92
C LYS A 128 7.92 -8.99 15.67
N GLY A 129 8.76 -8.91 14.65
CA GLY A 129 9.58 -7.73 14.42
C GLY A 129 8.75 -6.48 14.23
N LEU A 130 7.60 -6.60 13.55
CA LEU A 130 6.73 -5.43 13.33
C LEU A 130 5.71 -5.25 14.43
N GLY A 131 5.78 -6.10 15.44
CA GLY A 131 4.93 -5.95 16.64
C GLY A 131 3.45 -5.97 16.26
N LEU A 132 3.11 -6.95 15.43
CA LEU A 132 1.81 -7.04 14.83
C LEU A 132 0.88 -7.83 15.72
N ALA A 133 1.43 -8.50 16.72
CA ALA A 133 0.59 -9.16 17.70
C ALA A 133 -0.51 -8.19 18.24
N THR A 134 -0.21 -6.87 18.25
CA THR A 134 -1.11 -5.89 18.88
C THR A 134 -1.83 -5.02 17.87
N CYS A 135 -1.46 -5.17 16.60
CA CYS A 135 -2.15 -4.46 15.51
C CYS A 135 -3.60 -4.92 15.39
N ARG A 136 -4.54 -3.97 15.26
N ARG A 136 -4.53 -3.98 15.25
CA ARG A 136 -5.95 -4.33 15.09
CA ARG A 136 -5.96 -4.31 15.10
C ARG A 136 -6.51 -3.84 13.76
C ARG A 136 -6.51 -3.85 13.75
N ASN A 137 -5.63 -3.78 12.76
CA ASN A 137 -6.04 -3.66 11.40
C ASN A 137 -5.81 -5.04 10.81
N SER A 138 -6.80 -5.52 10.07
CA SER A 138 -6.67 -6.79 9.45
C SER A 138 -5.37 -6.81 8.64
N HIS A 139 -4.61 -7.90 8.70
CA HIS A 139 -3.36 -7.95 7.98
C HIS A 139 -2.91 -9.32 7.79
N ASN A 140 -2.03 -9.48 6.83
CA ASN A 140 -1.47 -10.79 6.53
C ASN A 140 -0.08 -10.55 6.02
N VAL A 141 0.83 -11.49 6.24
CA VAL A 141 2.21 -11.30 5.87
C VAL A 141 2.55 -12.30 4.82
N PHE A 142 3.19 -11.86 3.75
CA PHE A 142 3.50 -12.70 2.62
C PHE A 142 4.97 -12.53 2.32
N PRO A 143 5.74 -13.62 2.43
CA PRO A 143 7.10 -13.54 1.98
C PRO A 143 7.16 -13.45 0.46
N CYS A 144 8.16 -12.73 -0.07
CA CYS A 144 8.25 -12.57 -1.51
C CYS A 144 9.62 -12.15 -1.93
N THR A 145 9.79 -12.09 -3.25
CA THR A 145 11.04 -11.66 -3.89
C THR A 145 10.67 -10.79 -5.06
N ALA A 146 10.65 -9.50 -4.80
CA ALA A 146 10.24 -8.51 -5.77
C ALA A 146 11.26 -8.51 -6.91
N LYS A 147 12.49 -8.88 -6.65
CA LYS A 147 13.52 -8.92 -7.69
C LYS A 147 13.95 -10.36 -7.96
N MET A 148 13.18 -11.07 -8.76
CA MET A 148 13.56 -12.44 -9.19
C MET A 148 14.77 -12.36 -10.16
N PRO A 149 15.52 -13.47 -10.32
CA PRO A 149 16.71 -13.43 -11.17
C PRO A 149 16.44 -13.05 -12.63
N ALA A 150 17.53 -12.93 -13.40
CA ALA A 150 17.45 -12.75 -14.85
C ALA A 150 16.70 -13.91 -15.49
N GLY A 151 15.60 -13.59 -16.18
CA GLY A 151 14.86 -14.55 -16.99
C GLY A 151 13.69 -15.21 -16.29
N GLN A 152 13.60 -15.09 -14.97
CA GLN A 152 12.58 -15.81 -14.21
C GLN A 152 11.26 -15.07 -14.27
N ASP A 153 10.17 -15.80 -14.07
CA ASP A 153 8.86 -15.20 -13.90
C ASP A 153 8.85 -14.42 -12.60
N VAL A 154 8.01 -13.41 -12.52
CA VAL A 154 7.86 -12.69 -11.27
C VAL A 154 7.36 -13.68 -10.24
N ASP A 155 7.46 -13.31 -8.99
CA ASP A 155 7.04 -14.16 -7.91
C ASP A 155 5.54 -14.07 -7.77
N HIS A 156 4.88 -15.21 -7.92
CA HIS A 156 3.43 -15.31 -7.75
C HIS A 156 2.95 -14.85 -6.40
N ARG A 157 3.81 -14.88 -5.39
N ARG A 157 3.80 -14.84 -5.39
CA ARG A 157 3.46 -14.40 -4.03
CA ARG A 157 3.36 -14.39 -4.06
C ARG A 157 2.98 -12.94 -4.07
C ARG A 157 2.99 -12.91 -4.05
N LEU A 158 3.47 -12.13 -5.01
CA LEU A 158 3.06 -10.71 -5.06
C LEU A 158 1.55 -10.55 -5.39
N ARG A 159 1.08 -11.20 -6.44
CA ARG A 159 -0.38 -11.22 -6.73
C ARG A 159 -1.17 -11.91 -5.63
N ASP A 160 -0.64 -12.99 -5.06
CA ASP A 160 -1.32 -13.63 -3.94
C ASP A 160 -1.60 -12.61 -2.85
N GLY A 161 -0.61 -11.81 -2.52
CA GLY A 161 -0.78 -10.78 -1.50
C GLY A 161 -1.79 -9.76 -1.95
N LEU A 162 -1.67 -9.30 -3.20
CA LEU A 162 -2.65 -8.35 -3.75
C LEU A 162 -4.07 -8.91 -3.72
N LYS A 163 -4.24 -10.17 -4.07
CA LYS A 163 -5.58 -10.78 -4.11
C LYS A 163 -6.19 -10.89 -2.71
N TRP A 164 -5.37 -11.20 -1.71
CA TRP A 164 -5.85 -11.20 -0.34
C TRP A 164 -6.29 -9.78 0.03
N LEU A 165 -5.52 -8.76 -0.36
CA LEU A 165 -5.87 -7.39 0.02
C LEU A 165 -7.18 -7.00 -0.63
N VAL A 166 -7.25 -7.25 -1.94
CA VAL A 166 -8.40 -6.79 -2.70
C VAL A 166 -9.64 -7.50 -2.21
N GLY A 167 -9.51 -8.78 -1.92
CA GLY A 167 -10.62 -9.55 -1.37
C GLY A 167 -11.06 -9.04 -0.01
N THR A 168 -10.13 -8.57 0.79
CA THR A 168 -10.50 -8.02 2.07
C THR A 168 -11.20 -6.73 1.86
N VAL A 169 -10.68 -5.85 0.99
CA VAL A 169 -11.39 -4.59 0.68
C VAL A 169 -12.77 -4.92 0.09
N ASP A 170 -12.83 -5.88 -0.83
CA ASP A 170 -14.09 -6.21 -1.46
C ASP A 170 -15.16 -6.61 -0.47
N ARG A 171 -14.79 -7.47 0.47
N ARG A 171 -14.82 -7.47 0.49
CA ARG A 171 -15.66 -7.91 1.55
CA ARG A 171 -15.79 -7.85 1.55
C ARG A 171 -16.26 -6.75 2.36
C ARG A 171 -16.37 -6.65 2.27
N GLU A 172 -15.55 -5.62 2.51
CA GLU A 172 -16.05 -4.44 3.29
C GLU A 172 -16.36 -3.24 2.43
N PHE A 173 -16.39 -3.41 1.11
CA PHE A 173 -16.35 -2.25 0.23
C PHE A 173 -17.54 -1.32 0.47
N GLY A 174 -18.68 -1.92 0.80
CA GLY A 174 -19.93 -1.18 1.01
C GLY A 174 -19.87 -0.13 2.12
N ARG A 175 -19.09 -0.43 3.16
CA ARG A 175 -18.88 0.49 4.27
C ARG A 175 -17.65 1.34 4.05
N LEU A 176 -16.59 0.71 3.55
CA LEU A 176 -15.29 1.35 3.41
C LEU A 176 -15.25 2.49 2.36
N ASP A 177 -15.87 2.26 1.21
CA ASP A 177 -15.68 3.18 0.09
C ASP A 177 -16.30 4.54 0.38
N PRO A 178 -17.56 4.57 0.82
CA PRO A 178 -18.18 5.85 1.22
C PRO A 178 -17.36 6.63 2.23
N ARG A 179 -16.87 5.93 3.25
CA ARG A 179 -15.97 6.52 4.21
C ARG A 179 -14.73 7.07 3.50
N VAL A 180 -14.11 6.29 2.62
CA VAL A 180 -12.93 6.80 1.93
C VAL A 180 -13.30 8.05 1.14
N GLN A 181 -14.36 7.95 0.36
CA GLN A 181 -14.75 9.07 -0.50
C GLN A 181 -15.03 10.30 0.31
N THR A 182 -15.74 10.12 1.41
CA THR A 182 -16.11 11.26 2.27
C THR A 182 -14.88 11.84 2.97
N GLU A 183 -14.09 10.97 3.62
N GLU A 183 -14.08 10.98 3.61
CA GLU A 183 -12.84 11.33 4.33
CA GLU A 183 -12.89 11.43 4.33
C GLU A 183 -11.86 12.01 3.37
C GLU A 183 -11.84 12.01 3.38
N ALA A 184 -11.67 11.44 2.18
CA ALA A 184 -10.74 12.00 1.15
C ALA A 184 -11.12 13.41 0.75
N GLU A 185 -12.39 13.64 0.41
CA GLU A 185 -12.85 14.98 0.01
C GLU A 185 -12.72 15.97 1.16
N GLU A 186 -13.06 15.57 2.37
CA GLU A 186 -12.82 16.40 3.57
C GLU A 186 -11.36 16.88 3.68
N VAL A 187 -10.40 16.00 3.43
CA VAL A 187 -8.98 16.36 3.49
C VAL A 187 -8.58 17.21 2.27
N ARG A 188 -9.13 16.88 1.10
CA ARG A 188 -8.84 17.62 -0.14
C ARG A 188 -9.39 19.03 0.00
N GLN A 189 -10.52 19.15 0.68
N GLN A 189 -10.55 19.16 0.65
CA GLN A 189 -11.20 20.41 0.97
CA GLN A 189 -11.18 20.46 0.94
C GLN A 189 -10.32 21.33 1.81
C GLN A 189 -10.29 21.35 1.80
N GLU A 190 -9.70 20.76 2.84
CA GLU A 190 -8.92 21.51 3.80
C GLU A 190 -7.55 21.92 3.31
N GLU A 191 -7.09 21.36 2.20
CA GLU A 191 -5.85 21.81 1.60
C GLU A 191 -6.01 22.91 0.53
N ALA A 192 -7.25 23.27 0.23
CA ALA A 192 -7.55 24.50 -0.51
C ALA A 192 -7.03 25.73 0.26
N ARG A 193 -6.82 25.57 1.57
CA ARG A 193 -6.28 26.61 2.46
C ARG A 193 -5.02 27.35 2.00
N LYS A 194 -4.11 26.66 1.32
CA LYS A 194 -2.74 27.18 1.10
C LYS A 194 -2.60 28.54 0.39
N LYS A 195 -3.70 29.12 -0.08
CA LYS A 195 -3.71 30.51 -0.56
C LYS A 195 -3.54 31.49 0.61
N LYS A 196 -4.33 31.27 1.66
CA LYS A 196 -4.26 32.08 2.88
C LYS A 196 -2.96 31.84 3.62
N ARG B 3 9.22 4.13 -31.18
CA ARG B 3 8.20 4.90 -30.39
C ARG B 3 8.76 6.26 -30.05
N LYS B 4 7.91 7.27 -30.06
CA LYS B 4 8.34 8.62 -29.82
C LYS B 4 7.71 9.17 -28.57
N ILE B 5 8.57 9.65 -27.67
N ILE B 5 8.55 9.72 -27.69
CA ILE B 5 8.18 10.48 -26.53
CA ILE B 5 8.08 10.49 -26.57
C ILE B 5 8.47 11.92 -26.89
C ILE B 5 8.58 11.92 -26.65
N THR B 6 7.71 12.84 -26.31
CA THR B 6 8.04 14.24 -26.37
C THR B 6 8.04 14.75 -24.96
N ILE B 7 9.06 15.55 -24.64
N ILE B 7 9.05 15.54 -24.63
CA ILE B 7 9.30 16.08 -23.30
CA ILE B 7 9.12 16.11 -23.31
C ILE B 7 9.51 17.58 -23.39
C ILE B 7 9.47 17.58 -23.40
N ALA B 8 8.99 18.37 -22.45
CA ALA B 8 9.31 19.78 -22.39
C ALA B 8 10.31 20.00 -21.23
N LEU B 9 11.32 20.83 -21.47
N LEU B 9 11.40 20.72 -21.49
CA LEU B 9 12.29 21.18 -20.43
CA LEU B 9 12.27 21.18 -20.42
C LEU B 9 11.95 22.58 -19.89
C LEU B 9 11.67 22.51 -19.95
N LEU B 10 11.44 22.60 -18.66
CA LEU B 10 10.84 23.79 -18.11
C LEU B 10 11.55 24.11 -16.82
N GLY B 11 11.31 25.32 -16.32
CA GLY B 11 12.02 25.86 -15.17
C GLY B 11 12.24 27.32 -15.35
N LEU B 12 12.61 28.01 -14.28
CA LEU B 12 12.83 29.46 -14.36
C LEU B 12 14.06 29.77 -15.21
N ASP B 13 14.13 31.00 -15.67
CA ASP B 13 15.35 31.50 -16.27
C ASP B 13 16.53 31.31 -15.31
N ASN B 14 17.67 30.93 -15.88
CA ASN B 14 18.89 30.70 -15.17
C ASN B 14 19.02 29.36 -14.44
N ALA B 15 18.00 28.49 -14.55
CA ALA B 15 18.00 27.26 -13.79
C ALA B 15 19.02 26.29 -14.38
N GLY B 16 19.27 26.41 -15.67
CA GLY B 16 20.25 25.52 -16.33
C GLY B 16 19.71 24.53 -17.36
N LYS B 17 18.52 24.81 -17.90
CA LYS B 17 17.85 23.90 -18.85
C LYS B 17 18.69 23.71 -20.07
N THR B 18 19.08 24.79 -20.77
CA THR B 18 19.83 24.64 -21.98
C THR B 18 21.16 23.87 -21.71
N THR B 19 21.86 24.23 -20.66
CA THR B 19 23.13 23.57 -20.36
C THR B 19 22.89 22.10 -20.12
N LEU B 20 21.79 21.83 -19.44
CA LEU B 20 21.45 20.45 -19.10
C LEU B 20 21.11 19.67 -20.37
N LEU B 21 20.37 20.28 -21.27
CA LEU B 21 20.10 19.65 -22.54
C LEU B 21 21.42 19.43 -23.29
N ASN B 22 22.29 20.43 -23.38
CA ASN B 22 23.62 20.22 -24.04
C ASN B 22 24.33 19.03 -23.39
N SER B 23 24.43 19.06 -22.07
CA SER B 23 25.18 17.99 -21.38
C SER B 23 24.58 16.61 -21.61
N ILE B 24 23.27 16.53 -21.71
CA ILE B 24 22.62 15.25 -21.85
C ILE B 24 22.88 14.68 -23.25
N GLN B 25 23.12 15.56 -24.23
CA GLN B 25 23.51 15.11 -25.59
C GLN B 25 25.00 14.93 -25.74
N GLY B 26 25.73 14.89 -24.63
CA GLY B 26 27.15 14.63 -24.69
C GLY B 26 28.03 15.86 -24.89
N GLU B 27 27.55 16.88 -25.59
CA GLU B 27 28.39 18.06 -25.80
C GLU B 27 28.63 18.87 -24.52
N VAL B 28 29.48 18.29 -23.66
CA VAL B 28 29.73 18.79 -22.30
C VAL B 28 30.01 20.30 -22.31
N ASP B 29 30.99 20.72 -23.10
CA ASP B 29 31.41 22.13 -23.10
C ASP B 29 30.75 22.91 -24.23
N ARG B 30 29.75 23.73 -23.90
CA ARG B 30 29.25 24.70 -24.86
C ARG B 30 28.87 25.97 -24.14
N ASP B 31 28.82 27.06 -24.89
CA ASP B 31 28.36 28.31 -24.34
C ASP B 31 26.88 28.43 -24.62
N THR B 32 26.19 29.12 -23.70
CA THR B 32 24.76 29.32 -23.78
C THR B 32 24.44 30.78 -23.50
N THR B 33 23.35 31.24 -24.10
CA THR B 33 22.78 32.53 -23.76
C THR B 33 21.33 32.24 -23.37
N PRO B 34 20.73 33.18 -22.66
CA PRO B 34 19.33 33.06 -22.38
C PRO B 34 18.51 32.67 -23.62
N THR B 35 17.61 31.72 -23.45
CA THR B 35 16.79 31.23 -24.53
C THR B 35 15.54 32.07 -24.63
N PHE B 36 15.34 32.74 -25.77
CA PHE B 36 14.18 33.59 -25.93
C PHE B 36 13.14 33.04 -26.88
N GLY B 37 13.26 31.76 -27.16
CA GLY B 37 12.51 31.08 -28.16
C GLY B 37 12.57 29.69 -27.63
N PHE B 38 13.10 28.79 -28.44
CA PHE B 38 13.44 27.46 -27.97
C PHE B 38 14.42 26.66 -28.82
N ASN B 39 14.98 25.64 -28.18
N ASN B 39 15.04 25.65 -28.24
CA ASN B 39 15.86 24.68 -28.82
CA ASN B 39 15.73 24.70 -29.09
C ASN B 39 15.07 23.39 -28.92
C ASN B 39 15.33 23.29 -28.76
N SER B 40 15.47 22.49 -29.79
CA SER B 40 14.74 21.25 -29.97
C SER B 40 15.70 20.19 -30.43
N THR B 41 15.75 19.07 -29.74
CA THR B 41 16.63 18.04 -30.19
C THR B 41 15.96 16.71 -29.94
N THR B 42 16.63 15.67 -30.39
CA THR B 42 16.17 14.32 -30.25
C THR B 42 17.20 13.46 -29.52
N LEU B 43 16.72 12.67 -28.54
CA LEU B 43 17.57 11.76 -27.78
C LEU B 43 17.15 10.35 -28.03
N ASN B 44 18.06 9.41 -27.76
CA ASN B 44 17.73 7.98 -27.62
C ASN B 44 17.84 7.54 -26.15
N GLU B 45 16.85 6.81 -25.70
CA GLU B 45 16.88 6.23 -24.37
C GLU B 45 16.06 4.97 -24.44
N GLY B 46 16.75 3.85 -24.22
CA GLY B 46 16.19 2.53 -24.44
C GLY B 46 15.53 2.45 -25.81
N LYS B 47 14.26 2.13 -25.75
CA LYS B 47 13.42 1.76 -26.87
C LYS B 47 12.80 3.01 -27.56
N TYR B 48 13.09 4.20 -27.01
CA TYR B 48 12.37 5.41 -27.35
C TYR B 48 13.24 6.44 -28.06
N LYS B 49 12.61 7.18 -28.96
CA LYS B 49 13.17 8.39 -29.58
C LYS B 49 12.50 9.53 -28.83
N ILE B 50 13.29 10.36 -28.14
CA ILE B 50 12.74 11.39 -27.27
C ILE B 50 13.01 12.75 -27.89
N GLU B 51 11.93 13.48 -28.17
CA GLU B 51 11.97 14.85 -28.62
C GLU B 51 11.92 15.76 -27.42
N VAL B 52 12.95 16.59 -27.25
CA VAL B 52 13.02 17.53 -26.14
C VAL B 52 12.87 18.96 -26.62
N PHE B 53 11.90 19.66 -26.07
CA PHE B 53 11.77 21.08 -26.27
C PHE B 53 12.30 21.86 -25.07
N ASP B 54 13.39 22.60 -25.29
CA ASP B 54 14.01 23.47 -24.28
C ASP B 54 13.41 24.87 -24.43
N LEU B 55 12.55 25.26 -23.51
CA LEU B 55 11.82 26.54 -23.64
C LEU B 55 12.51 27.57 -22.76
N GLY B 56 12.52 28.82 -23.18
CA GLY B 56 13.03 29.90 -22.35
C GLY B 56 12.19 30.02 -21.10
N GLY B 57 12.83 30.39 -19.99
CA GLY B 57 12.17 30.53 -18.73
C GLY B 57 11.97 31.96 -18.22
N GLY B 58 12.47 32.94 -18.92
CA GLY B 58 12.24 34.36 -18.56
C GLY B 58 10.77 34.67 -18.33
N LYS B 59 10.49 35.63 -17.46
CA LYS B 59 9.10 36.01 -17.18
C LYS B 59 8.27 36.33 -18.37
N ASN B 60 8.84 36.95 -19.38
CA ASN B 60 8.00 37.26 -20.51
C ASN B 60 7.73 36.02 -21.41
N ILE B 61 8.71 35.12 -21.49
CA ILE B 61 8.67 33.93 -22.33
C ILE B 61 7.77 32.83 -21.76
N ARG B 62 7.63 32.80 -20.45
CA ARG B 62 6.96 31.73 -19.69
C ARG B 62 5.53 31.34 -20.14
N GLY B 63 4.79 32.31 -20.67
CA GLY B 63 3.44 32.06 -21.17
C GLY B 63 3.36 31.10 -22.34
N VAL B 64 4.44 31.01 -23.09
CA VAL B 64 4.55 30.06 -24.18
C VAL B 64 4.40 28.60 -23.65
N TRP B 65 4.87 28.32 -22.45
CA TRP B 65 4.87 26.93 -22.00
C TRP B 65 3.59 26.22 -22.23
N LYS B 66 2.48 26.85 -21.88
CA LYS B 66 1.19 26.15 -22.02
C LYS B 66 0.82 25.76 -23.46
N LYS B 67 1.45 26.39 -24.44
CA LYS B 67 1.24 25.98 -25.82
C LYS B 67 1.83 24.63 -26.16
N TYR B 68 2.62 24.04 -25.28
CA TYR B 68 3.25 22.77 -25.53
C TYR B 68 2.76 21.66 -24.64
N LEU B 69 1.99 21.98 -23.63
CA LEU B 69 1.67 20.95 -22.66
C LEU B 69 0.79 19.85 -23.25
N ALA B 70 -0.02 20.18 -24.24
CA ALA B 70 -0.88 19.19 -24.90
C ALA B 70 -0.09 18.11 -25.67
N GLU B 71 1.03 18.50 -26.26
CA GLU B 71 1.78 17.55 -27.10
C GLU B 71 2.90 16.79 -26.35
N VAL B 72 2.92 16.92 -25.05
CA VAL B 72 4.02 16.46 -24.28
C VAL B 72 3.62 15.29 -23.38
N HIS B 73 4.49 14.29 -23.28
CA HIS B 73 4.21 13.13 -22.47
C HIS B 73 4.69 13.34 -21.05
N ALA B 74 5.69 14.18 -20.87
CA ALA B 74 6.33 14.34 -19.57
C ALA B 74 7.08 15.65 -19.57
N ILE B 75 7.54 16.05 -18.40
CA ILE B 75 8.19 17.34 -18.22
C ILE B 75 9.45 17.12 -17.43
N VAL B 76 10.57 17.70 -17.84
CA VAL B 76 11.72 17.83 -16.98
C VAL B 76 11.63 19.25 -16.42
N TYR B 77 11.59 19.40 -15.12
CA TYR B 77 11.56 20.70 -14.48
C TYR B 77 12.88 20.93 -13.76
N VAL B 78 13.61 21.97 -14.18
CA VAL B 78 14.90 22.26 -13.62
C VAL B 78 14.79 23.43 -12.65
N VAL B 79 15.44 23.29 -11.51
CA VAL B 79 15.51 24.30 -10.47
C VAL B 79 16.98 24.59 -10.19
N ASP B 80 17.28 25.86 -10.00
CA ASP B 80 18.60 26.25 -9.54
C ASP B 80 18.60 26.00 -8.04
N ALA B 81 19.17 24.88 -7.65
CA ALA B 81 19.18 24.47 -6.23
C ALA B 81 20.03 25.38 -5.39
N ALA B 82 20.87 26.20 -6.03
CA ALA B 82 21.82 27.01 -5.31
C ALA B 82 21.29 28.44 -5.17
N ASP B 83 20.01 28.65 -5.54
CA ASP B 83 19.33 29.93 -5.49
C ASP B 83 17.95 29.78 -4.80
N PRO B 84 17.95 29.51 -3.49
CA PRO B 84 16.71 29.43 -2.72
C PRO B 84 15.88 30.72 -2.68
N GLY B 85 16.48 31.85 -3.01
CA GLY B 85 15.70 33.06 -3.20
C GLY B 85 14.59 32.92 -4.21
N ARG B 86 14.74 31.99 -5.14
CA ARG B 86 13.78 31.88 -6.20
C ARG B 86 12.91 30.67 -6.07
N PHE B 87 13.09 29.89 -5.03
CA PHE B 87 12.25 28.69 -4.85
C PHE B 87 10.78 29.04 -4.85
N GLU B 88 10.45 30.14 -4.19
CA GLU B 88 9.08 30.57 -4.08
C GLU B 88 8.49 30.80 -5.47
N GLU B 89 9.17 31.52 -6.37
CA GLU B 89 8.59 31.70 -7.73
C GLU B 89 8.62 30.44 -8.56
N SER B 90 9.60 29.57 -8.32
CA SER B 90 9.67 28.30 -9.05
C SER B 90 8.51 27.45 -8.63
N LYS B 91 8.21 27.45 -7.34
CA LYS B 91 7.00 26.78 -6.86
C LYS B 91 5.70 27.30 -7.47
N MET B 92 5.56 28.60 -7.66
CA MET B 92 4.34 29.14 -8.28
C MET B 92 4.29 28.79 -9.76
N THR B 93 5.45 28.76 -10.39
CA THR B 93 5.51 28.53 -11.79
C THR B 93 5.17 27.09 -12.12
N MET B 94 5.66 26.17 -11.30
CA MET B 94 5.35 24.77 -11.47
C MET B 94 3.90 24.51 -11.16
N ALA B 95 3.36 25.18 -10.15
CA ALA B 95 1.95 25.10 -9.83
C ALA B 95 1.10 25.40 -11.05
N GLU B 96 1.40 26.50 -11.72
CA GLU B 96 0.70 26.88 -12.96
C GLU B 96 0.78 25.77 -14.01
N VAL B 97 1.94 25.15 -14.17
CA VAL B 97 2.05 24.04 -15.10
C VAL B 97 1.15 22.91 -14.67
N LEU B 98 1.22 22.56 -13.40
CA LEU B 98 0.45 21.43 -12.90
C LEU B 98 -1.07 21.66 -12.94
N GLU B 99 -1.53 22.90 -12.72
N GLU B 99 -1.51 22.91 -12.73
CA GLU B 99 -2.97 23.18 -12.80
CA GLU B 99 -2.93 23.24 -12.79
C GLU B 99 -3.51 23.00 -14.21
C GLU B 99 -3.51 23.06 -14.20
N ASN B 100 -2.66 23.23 -15.21
CA ASN B 100 -3.08 23.10 -16.59
C ASN B 100 -3.73 21.75 -16.91
N GLN B 101 -4.73 21.83 -17.74
CA GLN B 101 -5.61 20.71 -18.06
C GLN B 101 -4.86 19.56 -18.77
N PHE B 102 -3.83 19.89 -19.52
CA PHE B 102 -3.12 18.87 -20.28
C PHE B 102 -2.01 18.17 -19.47
N MET B 103 -1.84 18.54 -18.20
CA MET B 103 -0.78 18.01 -17.36
C MET B 103 -1.21 16.84 -16.48
N ARG B 104 -2.50 16.59 -16.37
CA ARG B 104 -2.95 15.57 -15.43
C ARG B 104 -2.30 14.19 -15.73
N ASP B 105 -1.85 13.51 -14.67
CA ASP B 105 -1.17 12.19 -14.76
C ASP B 105 0.17 12.12 -15.51
N LYS B 106 0.73 13.25 -15.96
CA LYS B 106 1.98 13.22 -16.65
C LYS B 106 3.11 13.37 -15.66
N PRO B 107 4.14 12.58 -15.79
CA PRO B 107 5.24 12.63 -14.82
C PRO B 107 6.22 13.80 -15.01
N ILE B 108 6.83 14.22 -13.90
CA ILE B 108 7.78 15.30 -13.85
C ILE B 108 9.08 14.81 -13.27
N CYS B 109 10.16 15.01 -14.00
CA CYS B 109 11.48 14.76 -13.50
C CYS B 109 12.03 16.06 -13.00
N ILE B 110 12.30 16.21 -11.72
CA ILE B 110 12.79 17.49 -11.20
C ILE B 110 14.28 17.44 -10.96
N PHE B 111 15.01 18.29 -11.69
CA PHE B 111 16.47 18.37 -11.50
C PHE B 111 16.79 19.49 -10.53
N ALA B 112 17.44 19.11 -9.43
CA ALA B 112 17.91 20.08 -8.44
C ALA B 112 19.32 20.42 -8.87
N ASN B 113 19.41 21.33 -9.82
CA ASN B 113 20.66 21.63 -10.54
C ASN B 113 21.62 22.54 -9.74
N LYS B 114 22.87 22.54 -10.20
CA LYS B 114 23.93 23.39 -9.65
C LYS B 114 24.46 22.90 -8.29
N GLN B 115 24.60 21.59 -8.17
CA GLN B 115 25.12 20.99 -6.91
C GLN B 115 26.62 21.24 -6.65
N ASP B 116 27.34 21.73 -7.66
CA ASP B 116 28.74 22.18 -7.51
C ASP B 116 28.83 23.50 -6.75
N LEU B 117 27.75 24.29 -6.70
CA LEU B 117 27.80 25.53 -5.94
C LEU B 117 27.60 25.33 -4.45
N PRO B 118 28.35 26.06 -3.63
CA PRO B 118 28.34 25.73 -2.20
C PRO B 118 27.01 25.87 -1.48
N THR B 119 26.11 26.71 -2.02
CA THR B 119 24.79 26.93 -1.41
C THR B 119 23.71 25.99 -1.97
N ALA B 120 24.11 25.00 -2.76
CA ALA B 120 23.17 24.08 -3.33
C ALA B 120 22.31 23.32 -2.28
N ALA B 121 21.00 23.40 -2.41
CA ALA B 121 20.08 22.65 -1.56
C ALA B 121 20.00 21.16 -1.94
N PRO B 122 19.90 20.26 -0.94
CA PRO B 122 19.71 18.83 -1.25
C PRO B 122 18.28 18.52 -1.67
N ALA B 123 18.01 17.30 -2.15
CA ALA B 123 16.68 16.96 -2.73
C ALA B 123 15.53 17.25 -1.77
N ALA B 124 15.76 16.99 -0.49
CA ALA B 124 14.77 17.25 0.56
C ALA B 124 14.32 18.71 0.52
N GLU B 125 15.27 19.62 0.71
CA GLU B 125 14.98 21.06 0.67
C GLU B 125 14.18 21.51 -0.55
N VAL B 126 14.51 20.95 -1.71
CA VAL B 126 13.85 21.34 -2.94
C VAL B 126 12.43 20.81 -2.97
N VAL B 127 12.21 19.62 -2.42
CA VAL B 127 10.83 19.12 -2.27
C VAL B 127 9.99 20.13 -1.49
N LYS B 128 10.50 20.57 -0.35
CA LYS B 128 9.78 21.57 0.45
C LYS B 128 9.61 22.86 -0.29
N GLY B 129 10.69 23.33 -0.91
CA GLY B 129 10.71 24.58 -1.62
C GLY B 129 9.76 24.65 -2.82
N LEU B 130 9.61 23.54 -3.57
CA LEU B 130 8.67 23.50 -4.69
C LEU B 130 7.27 23.08 -4.27
N GLY B 131 7.05 22.85 -2.97
CA GLY B 131 5.73 22.47 -2.46
C GLY B 131 5.19 21.23 -3.13
N LEU B 132 6.01 20.19 -3.16
CA LEU B 132 5.73 18.95 -3.89
C LEU B 132 5.08 17.91 -2.98
N ALA B 133 5.04 18.21 -1.68
CA ALA B 133 4.24 17.39 -0.77
C ALA B 133 2.79 17.23 -1.25
N THR B 134 2.28 18.22 -2.00
CA THR B 134 0.87 18.22 -2.46
C THR B 134 0.68 17.94 -3.94
N CYS B 135 1.79 17.85 -4.66
CA CYS B 135 1.77 17.53 -6.09
C CYS B 135 1.23 16.14 -6.34
N ARG B 136 0.32 16.03 -7.31
CA ARG B 136 -0.34 14.76 -7.64
C ARG B 136 0.03 14.17 -8.98
N ASN B 137 1.12 14.66 -9.54
CA ASN B 137 1.74 14.09 -10.71
C ASN B 137 2.93 13.32 -10.19
N SER B 138 3.09 12.11 -10.68
CA SER B 138 4.23 11.33 -10.32
C SER B 138 5.50 12.19 -10.57
N HIS B 139 6.46 12.11 -9.67
CA HIS B 139 7.67 12.89 -9.76
C HIS B 139 8.78 12.34 -8.94
N ASN B 140 9.97 12.70 -9.34
CA ASN B 140 11.17 12.34 -8.58
C ASN B 140 12.15 13.45 -8.73
N VAL B 141 12.99 13.67 -7.73
CA VAL B 141 13.89 14.81 -7.71
C VAL B 141 15.27 14.24 -7.74
N PHE B 142 16.12 14.81 -8.59
CA PHE B 142 17.45 14.35 -8.82
C PHE B 142 18.39 15.52 -8.73
N PRO B 143 19.27 15.48 -7.75
CA PRO B 143 20.33 16.50 -7.76
C PRO B 143 21.29 16.27 -8.92
N CYS B 144 21.82 17.34 -9.50
CA CYS B 144 22.75 17.18 -10.63
C CYS B 144 23.58 18.43 -10.78
N THR B 145 24.55 18.30 -11.66
CA THR B 145 25.40 19.37 -12.07
C THR B 145 25.48 19.34 -13.60
N ALA B 146 24.65 20.16 -14.22
CA ALA B 146 24.61 20.29 -15.67
C ALA B 146 25.92 20.81 -16.22
N LYS B 147 26.65 21.61 -15.45
CA LYS B 147 27.93 22.16 -15.88
C LYS B 147 29.07 21.55 -15.06
N MET B 148 29.54 20.36 -15.47
CA MET B 148 30.69 19.76 -14.80
C MET B 148 31.94 20.49 -15.28
N PRO B 149 33.02 20.47 -14.47
CA PRO B 149 34.24 21.25 -14.79
C PRO B 149 34.84 20.94 -16.17
N ALA B 150 35.90 21.68 -16.49
CA ALA B 150 36.73 21.41 -17.66
C ALA B 150 37.29 19.99 -17.61
N GLY B 151 36.96 19.19 -18.62
CA GLY B 151 37.55 17.87 -18.82
C GLY B 151 36.77 16.71 -18.23
N GLN B 152 35.80 17.00 -17.38
CA GLN B 152 35.07 15.95 -16.64
C GLN B 152 33.98 15.34 -17.49
N ASP B 153 33.64 14.09 -17.20
CA ASP B 153 32.49 13.45 -17.83
C ASP B 153 31.26 14.14 -17.36
N VAL B 154 30.20 14.10 -18.17
CA VAL B 154 28.94 14.67 -17.74
C VAL B 154 28.46 13.88 -16.56
N ASP B 155 27.56 14.49 -15.80
CA ASP B 155 27.07 13.92 -14.56
C ASP B 155 26.09 12.81 -14.85
N HIS B 156 26.36 11.65 -14.23
N HIS B 156 26.34 11.62 -14.32
CA HIS B 156 25.56 10.42 -14.35
CA HIS B 156 25.46 10.48 -14.59
C HIS B 156 24.12 10.60 -13.96
C HIS B 156 24.05 10.71 -14.10
N ARG B 157 23.86 11.57 -13.10
CA ARG B 157 22.55 11.80 -12.56
C ARG B 157 21.59 12.40 -13.60
N LEU B 158 22.09 12.99 -14.70
CA LEU B 158 21.20 13.48 -15.75
C LEU B 158 20.45 12.32 -16.46
N ARG B 159 21.21 11.33 -16.93
N ARG B 159 21.22 11.34 -16.92
CA ARG B 159 20.60 10.17 -17.60
CA ARG B 159 20.62 10.16 -17.58
C ARG B 159 19.85 9.26 -16.62
C ARG B 159 19.84 9.29 -16.62
N ASP B 160 20.27 9.24 -15.36
CA ASP B 160 19.48 8.56 -14.33
C ASP B 160 18.10 9.20 -14.28
N GLY B 161 18.06 10.52 -14.21
CA GLY B 161 16.80 11.22 -14.17
C GLY B 161 15.99 10.98 -15.45
N LEU B 162 16.64 11.05 -16.60
CA LEU B 162 15.95 10.73 -17.85
C LEU B 162 15.40 9.30 -17.87
N LYS B 163 16.16 8.34 -17.36
CA LYS B 163 15.75 6.93 -17.37
C LYS B 163 14.53 6.70 -16.48
N TRP B 164 14.50 7.39 -15.35
CA TRP B 164 13.34 7.31 -14.49
C TRP B 164 12.15 7.84 -15.25
N LEU B 165 12.32 8.97 -15.94
CA LEU B 165 11.18 9.58 -16.66
C LEU B 165 10.69 8.62 -17.76
N VAL B 166 11.65 8.18 -18.56
CA VAL B 166 11.28 7.38 -19.69
C VAL B 166 10.61 6.11 -19.23
N GLY B 167 11.16 5.47 -18.20
CA GLY B 167 10.53 4.29 -17.61
C GLY B 167 9.14 4.58 -17.14
N THR B 168 8.90 5.75 -16.55
CA THR B 168 7.55 6.07 -16.08
C THR B 168 6.64 6.18 -17.30
N VAL B 169 7.08 6.91 -18.30
CA VAL B 169 6.28 7.07 -19.47
C VAL B 169 6.03 5.71 -20.11
N ASP B 170 7.07 4.90 -20.16
CA ASP B 170 6.95 3.58 -20.75
C ASP B 170 5.87 2.75 -20.09
N ARG B 171 5.90 2.75 -18.76
CA ARG B 171 4.97 1.95 -18.00
C ARG B 171 3.50 2.37 -18.24
N GLU B 172 3.21 3.64 -18.54
CA GLU B 172 1.84 4.10 -18.83
C GLU B 172 1.62 4.41 -20.30
N PHE B 173 2.53 3.99 -21.17
CA PHE B 173 2.51 4.50 -22.55
C PHE B 173 1.23 4.19 -23.28
N GLY B 174 0.65 3.03 -22.97
CA GLY B 174 -0.55 2.53 -23.64
C GLY B 174 -1.73 3.44 -23.45
N ARG B 175 -1.81 4.08 -22.28
CA ARG B 175 -2.90 5.02 -21.98
C ARG B 175 -2.50 6.44 -22.34
N LEU B 176 -1.28 6.78 -22.00
CA LEU B 176 -0.78 8.12 -22.16
C LEU B 176 -0.63 8.61 -23.62
N ASP B 177 -0.11 7.75 -24.49
CA ASP B 177 0.24 8.19 -25.83
C ASP B 177 -0.99 8.58 -26.66
N PRO B 178 -2.03 7.72 -26.66
CA PRO B 178 -3.25 8.10 -27.39
C PRO B 178 -3.84 9.43 -26.90
N ARG B 179 -3.84 9.62 -25.59
CA ARG B 179 -4.30 10.87 -25.03
C ARG B 179 -3.44 12.03 -25.54
N VAL B 180 -2.12 11.86 -25.57
CA VAL B 180 -1.27 12.93 -26.05
C VAL B 180 -1.55 13.20 -27.53
N GLN B 181 -1.59 12.13 -28.32
CA GLN B 181 -1.85 12.28 -29.76
C GLN B 181 -3.18 12.95 -30.04
N THR B 182 -4.21 12.54 -29.32
CA THR B 182 -5.55 13.10 -29.49
C THR B 182 -5.57 14.56 -29.06
N GLU B 183 -5.03 14.82 -27.86
CA GLU B 183 -5.07 16.16 -27.30
C GLU B 183 -4.19 17.13 -28.10
N ALA B 184 -3.02 16.64 -28.51
CA ALA B 184 -2.13 17.46 -29.31
C ALA B 184 -2.80 17.95 -30.60
N GLU B 185 -3.42 17.02 -31.34
CA GLU B 185 -4.12 17.37 -32.58
C GLU B 185 -5.30 18.33 -32.31
N GLU B 186 -6.05 18.06 -31.25
CA GLU B 186 -7.10 18.98 -30.84
C GLU B 186 -6.61 20.43 -30.66
N VAL B 187 -5.48 20.60 -29.99
CA VAL B 187 -4.87 21.93 -29.82
C VAL B 187 -4.26 22.48 -31.12
N ARG B 188 -3.68 21.59 -31.92
CA ARG B 188 -3.09 21.98 -33.21
C ARG B 188 -4.13 22.44 -34.23
N GLN B 189 -5.29 21.79 -34.27
CA GLN B 189 -6.40 22.28 -35.08
C GLN B 189 -6.89 23.64 -34.53
N GLU B 190 -7.07 23.73 -33.21
CA GLU B 190 -7.57 24.95 -32.57
C GLU B 190 -6.81 26.18 -33.01
N GLU B 191 -5.53 26.03 -33.36
CA GLU B 191 -4.70 27.16 -33.77
C GLU B 191 -4.65 27.44 -35.28
N ALA B 192 -5.32 26.61 -36.07
CA ALA B 192 -5.61 26.92 -37.47
C ALA B 192 -6.53 28.13 -37.55
N ARG B 193 -7.47 28.18 -36.61
CA ARG B 193 -8.51 29.20 -36.60
C ARG B 193 -7.90 30.56 -36.33
N LYS B 194 -6.98 30.62 -35.37
CA LYS B 194 -6.24 31.84 -35.10
C LYS B 194 -5.52 32.33 -36.36
N LYS B 195 -5.21 31.41 -37.28
CA LYS B 195 -4.56 31.76 -38.56
C LYS B 195 -5.52 32.07 -39.73
N LYS B 196 -6.73 31.51 -39.71
CA LYS B 196 -7.77 31.92 -40.67
C LYS B 196 -8.06 33.44 -40.54
N GLU B 197 -7.75 34.00 -39.37
CA GLU B 197 -8.13 35.37 -39.05
C GLU B 197 -6.94 36.32 -39.17
N ARG B 198 -5.93 36.11 -38.33
CA ARG B 198 -4.77 37.01 -38.21
C ARG B 198 -3.93 37.05 -39.49
N GLY C 1 -27.19 2.52 19.10
CA GLY C 1 -26.03 1.61 18.93
C GLY C 1 -26.32 0.14 19.26
N PRO C 2 -26.00 -0.79 18.34
CA PRO C 2 -26.21 -2.21 18.65
C PRO C 2 -25.24 -2.79 19.68
N ARG C 3 -25.72 -3.73 20.49
CA ARG C 3 -24.83 -4.39 21.42
C ARG C 3 -23.79 -5.12 20.58
N LYS C 4 -22.57 -5.16 21.08
CA LYS C 4 -21.48 -5.76 20.38
C LYS C 4 -20.95 -6.94 21.20
N ILE C 5 -20.84 -8.11 20.58
CA ILE C 5 -20.08 -9.30 21.07
C ILE C 5 -18.83 -9.46 20.20
N THR C 6 -17.66 -9.70 20.78
CA THR C 6 -16.42 -9.91 20.06
C THR C 6 -16.04 -11.39 20.27
N ILE C 7 -15.75 -12.14 19.20
N ILE C 7 -15.63 -12.07 19.21
CA ILE C 7 -15.28 -13.50 19.36
CA ILE C 7 -15.19 -13.42 19.35
C ILE C 7 -13.99 -13.75 18.56
C ILE C 7 -13.87 -13.62 18.63
N ALA C 8 -13.10 -14.55 19.15
CA ALA C 8 -11.86 -14.91 18.48
C ALA C 8 -12.06 -16.26 17.85
N LEU C 9 -11.57 -16.41 16.64
CA LEU C 9 -11.73 -17.65 15.95
C LEU C 9 -10.36 -18.30 15.97
N LEU C 10 -10.28 -19.36 16.75
CA LEU C 10 -9.02 -19.99 17.06
C LEU C 10 -9.05 -21.48 16.63
N GLY C 11 -7.89 -22.11 16.71
CA GLY C 11 -7.69 -23.48 16.25
C GLY C 11 -6.34 -23.60 15.55
N LEU C 12 -5.89 -24.82 15.36
CA LEU C 12 -4.61 -25.07 14.74
C LEU C 12 -4.63 -24.70 13.26
N ASP C 13 -3.45 -24.45 12.70
CA ASP C 13 -3.36 -24.21 11.29
C ASP C 13 -4.01 -25.36 10.59
N ASN C 14 -4.68 -25.06 9.49
CA ASN C 14 -5.31 -26.02 8.62
C ASN C 14 -6.67 -26.50 9.15
N ALA C 15 -7.12 -25.99 10.28
CA ALA C 15 -8.38 -26.46 10.83
C ALA C 15 -9.59 -26.02 9.98
N GLY C 16 -9.45 -24.86 9.33
CA GLY C 16 -10.52 -24.32 8.48
C GLY C 16 -11.13 -22.99 8.98
N LYS C 17 -10.41 -22.24 9.78
CA LYS C 17 -11.00 -21.06 10.41
C LYS C 17 -11.36 -20.04 9.35
N THR C 18 -10.39 -19.69 8.52
CA THR C 18 -10.62 -18.67 7.50
C THR C 18 -11.74 -19.07 6.54
N THR C 19 -11.76 -20.33 6.08
CA THR C 19 -12.85 -20.86 5.25
C THR C 19 -14.19 -20.76 5.99
N LEU C 20 -14.19 -21.11 7.27
CA LEU C 20 -15.38 -21.09 8.08
C LEU C 20 -15.90 -19.67 8.25
N LEU C 21 -14.99 -18.73 8.40
CA LEU C 21 -15.38 -17.35 8.48
C LEU C 21 -15.96 -16.87 7.15
N ASN C 22 -15.34 -17.21 6.05
CA ASN C 22 -15.93 -16.88 4.76
C ASN C 22 -17.33 -17.46 4.63
N SER C 23 -17.49 -18.74 4.96
CA SER C 23 -18.76 -19.42 4.74
C SER C 23 -19.85 -18.89 5.65
N ILE C 24 -19.50 -18.40 6.80
CA ILE C 24 -20.49 -17.89 7.74
C ILE C 24 -21.03 -16.54 7.25
N GLN C 25 -20.23 -15.81 6.45
CA GLN C 25 -20.63 -14.52 5.88
C GLN C 25 -21.48 -14.69 4.65
N GLY C 26 -21.67 -15.93 4.19
CA GLY C 26 -22.33 -16.19 2.93
C GLY C 26 -21.43 -16.45 1.73
N GLU C 27 -20.25 -15.83 1.66
CA GLU C 27 -19.37 -16.05 0.50
C GLU C 27 -18.75 -17.46 0.50
N ARG C 30 -14.70 -19.07 -1.67
CA ARG C 30 -13.51 -18.26 -1.89
C ARG C 30 -12.26 -19.10 -1.70
N ASP C 31 -11.13 -18.56 -2.16
CA ASP C 31 -9.84 -19.21 -1.97
C ASP C 31 -9.20 -18.60 -0.73
N THR C 32 -8.37 -19.40 -0.06
CA THR C 32 -7.73 -19.03 1.19
C THR C 32 -6.28 -19.50 1.19
N THR C 33 -5.41 -18.70 1.78
CA THR C 33 -4.04 -19.11 2.02
C THR C 33 -3.90 -19.07 3.52
N PRO C 34 -2.89 -19.76 4.05
CA PRO C 34 -2.57 -19.64 5.47
C PRO C 34 -2.56 -18.19 5.96
N THR C 35 -3.16 -17.96 7.11
CA THR C 35 -3.25 -16.65 7.70
C THR C 35 -2.02 -16.39 8.57
N PHE C 36 -1.14 -15.51 8.13
CA PHE C 36 -0.08 -15.00 8.99
C PHE C 36 -0.46 -13.58 9.31
N GLY C 37 -1.42 -13.45 10.17
CA GLY C 37 -1.82 -12.17 10.67
C GLY C 37 -3.24 -12.45 11.11
N PHE C 38 -4.17 -11.61 10.70
CA PHE C 38 -5.58 -11.92 10.89
C PHE C 38 -6.59 -11.27 9.92
N ASN C 39 -7.76 -11.92 9.85
CA ASN C 39 -8.94 -11.41 9.14
C ASN C 39 -10.04 -11.09 10.16
N SER C 40 -10.71 -9.98 9.92
CA SER C 40 -11.60 -9.33 10.89
C SER C 40 -12.84 -8.94 10.16
N THR C 41 -13.98 -9.44 10.62
CA THR C 41 -15.24 -9.03 10.03
C THR C 41 -16.37 -9.02 11.04
N THR C 42 -17.49 -8.48 10.64
CA THR C 42 -18.61 -8.24 11.50
C THR C 42 -19.82 -8.96 11.00
N LEU C 43 -20.53 -9.63 11.92
CA LEU C 43 -21.72 -10.43 11.62
C LEU C 43 -22.90 -9.86 12.36
N ASN C 44 -24.09 -10.20 11.89
CA ASN C 44 -25.32 -9.95 12.64
C ASN C 44 -25.95 -11.25 13.10
N GLU C 45 -26.34 -11.29 14.36
CA GLU C 45 -26.99 -12.48 14.87
C GLU C 45 -27.89 -11.99 15.92
N GLY C 46 -29.16 -12.20 15.69
CA GLY C 46 -30.16 -11.65 16.52
C GLY C 46 -29.93 -10.17 16.75
N LYS C 47 -29.79 -9.85 18.01
CA LYS C 47 -29.79 -8.52 18.57
C LYS C 47 -28.35 -7.95 18.61
N TYR C 48 -27.38 -8.74 18.18
CA TYR C 48 -25.95 -8.45 18.37
C TYR C 48 -25.16 -8.25 17.09
N LYS C 49 -24.32 -7.23 17.10
N LYS C 49 -24.32 -7.22 17.08
CA LYS C 49 -23.20 -7.11 16.16
CA LYS C 49 -23.22 -7.17 16.13
C LYS C 49 -22.10 -8.02 16.69
C LYS C 49 -22.13 -8.05 16.69
N ILE C 50 -21.60 -8.93 15.87
CA ILE C 50 -20.52 -9.78 16.29
C ILE C 50 -19.25 -9.55 15.49
N GLU C 51 -18.21 -9.04 16.17
CA GLU C 51 -16.91 -8.82 15.57
C GLU C 51 -16.15 -10.14 15.73
N VAL C 52 -15.72 -10.72 14.62
CA VAL C 52 -14.93 -11.92 14.63
C VAL C 52 -13.49 -11.68 14.20
N PHE C 53 -12.54 -12.10 15.04
CA PHE C 53 -11.13 -12.07 14.72
C PHE C 53 -10.66 -13.45 14.34
N ASP C 54 -10.27 -13.63 13.07
CA ASP C 54 -9.79 -14.92 12.55
C ASP C 54 -8.27 -14.92 12.66
N LEU C 55 -7.73 -15.65 13.60
CA LEU C 55 -6.27 -15.57 13.88
C LEU C 55 -5.56 -16.70 13.21
N GLY C 56 -4.39 -16.46 12.67
CA GLY C 56 -3.61 -17.57 12.15
C GLY C 56 -3.32 -18.57 13.27
N GLY C 57 -3.26 -19.84 12.89
CA GLY C 57 -2.98 -20.91 13.82
C GLY C 57 -1.67 -21.63 13.70
N GLY C 58 -0.81 -21.24 12.76
CA GLY C 58 0.55 -21.81 12.67
C GLY C 58 1.29 -21.71 13.98
N LYS C 59 2.26 -22.57 14.22
CA LYS C 59 2.99 -22.60 15.47
C LYS C 59 3.72 -21.37 15.90
N ASN C 60 4.36 -20.67 15.01
CA ASN C 60 5.12 -19.55 15.51
C ASN C 60 4.27 -18.28 15.63
N ILE C 61 3.03 -18.39 15.16
N ILE C 61 3.00 -18.36 15.23
CA ILE C 61 1.99 -17.34 15.19
CA ILE C 61 2.06 -17.23 15.29
C ILE C 61 1.16 -17.39 16.47
C ILE C 61 1.02 -17.38 16.40
N ARG C 62 0.85 -18.61 16.89
CA ARG C 62 -0.06 -18.95 18.00
C ARG C 62 0.08 -18.09 19.28
N GLY C 63 1.29 -17.59 19.54
CA GLY C 63 1.53 -16.70 20.67
C GLY C 63 0.71 -15.40 20.66
N VAL C 64 0.30 -14.97 19.47
CA VAL C 64 -0.54 -13.81 19.30
C VAL C 64 -1.88 -14.00 19.97
N TRP C 65 -2.38 -15.24 20.02
CA TRP C 65 -3.73 -15.45 20.55
C TRP C 65 -4.00 -14.81 21.88
N LYS C 66 -3.10 -14.98 22.83
CA LYS C 66 -3.32 -14.39 24.14
C LYS C 66 -3.40 -12.89 24.18
N LYS C 67 -2.98 -12.20 23.14
CA LYS C 67 -3.15 -10.75 23.10
C LYS C 67 -4.58 -10.34 22.78
N TYR C 68 -5.43 -11.31 22.45
CA TYR C 68 -6.82 -11.03 22.16
C TYR C 68 -7.78 -11.50 23.21
N LEU C 69 -7.32 -12.32 24.16
CA LEU C 69 -8.29 -12.99 25.00
C LEU C 69 -9.01 -12.05 25.94
N ALA C 70 -8.40 -10.93 26.28
CA ALA C 70 -8.96 -9.95 27.19
C ALA C 70 -10.16 -9.25 26.55
N GLU C 71 -10.09 -9.01 25.25
CA GLU C 71 -11.13 -8.23 24.57
C GLU C 71 -12.25 -9.10 23.95
N VAL C 72 -12.20 -10.39 24.15
CA VAL C 72 -13.12 -11.30 23.48
C VAL C 72 -14.12 -11.81 24.54
N HIS C 73 -15.38 -11.98 24.13
CA HIS C 73 -16.47 -12.43 25.00
C HIS C 73 -16.54 -13.94 24.93
N ALA C 74 -16.11 -14.50 23.80
CA ALA C 74 -16.31 -15.93 23.55
C ALA C 74 -15.38 -16.36 22.48
N ILE C 75 -15.30 -17.68 22.27
N ILE C 75 -15.33 -17.67 22.26
CA ILE C 75 -14.35 -18.19 21.33
CA ILE C 75 -14.34 -18.25 21.38
C ILE C 75 -15.00 -19.25 20.48
C ILE C 75 -15.01 -19.26 20.48
N VAL C 76 -14.71 -19.21 19.19
CA VAL C 76 -15.01 -20.32 18.32
C VAL C 76 -13.67 -21.06 18.18
N TYR C 77 -13.64 -22.33 18.59
CA TYR C 77 -12.43 -23.16 18.39
C TYR C 77 -12.70 -24.17 17.28
N VAL C 78 -11.92 -24.12 16.23
CA VAL C 78 -12.14 -25.03 15.12
C VAL C 78 -11.07 -26.15 15.13
N VAL C 79 -11.54 -27.37 14.88
CA VAL C 79 -10.72 -28.56 14.84
C VAL C 79 -10.95 -29.30 13.53
N ASP C 80 -9.84 -29.71 12.91
CA ASP C 80 -9.93 -30.52 11.71
C ASP C 80 -10.22 -31.89 12.21
N ALA C 81 -11.50 -32.26 12.11
CA ALA C 81 -12.02 -33.47 12.67
C ALA C 81 -11.54 -34.67 11.87
N ALA C 82 -10.94 -34.44 10.69
CA ALA C 82 -10.55 -35.50 9.80
C ALA C 82 -9.06 -35.76 9.97
N ASP C 83 -8.46 -35.07 10.94
CA ASP C 83 -7.04 -35.18 11.26
C ASP C 83 -6.81 -35.48 12.76
N PRO C 84 -7.18 -36.69 13.21
CA PRO C 84 -6.94 -37.10 14.61
C PRO C 84 -5.41 -37.20 15.01
N GLY C 85 -4.52 -37.25 14.03
CA GLY C 85 -3.12 -37.05 14.35
C GLY C 85 -2.84 -35.77 15.14
N ARG C 86 -3.69 -34.77 14.98
CA ARG C 86 -3.37 -33.50 15.54
C ARG C 86 -4.23 -33.17 16.73
N PHE C 87 -5.07 -34.11 17.13
CA PHE C 87 -5.98 -33.88 18.26
C PHE C 87 -5.17 -33.56 19.50
N GLU C 88 -4.08 -34.28 19.68
CA GLU C 88 -3.22 -34.05 20.85
C GLU C 88 -2.68 -32.62 20.92
N GLU C 89 -2.12 -32.08 19.84
CA GLU C 89 -1.68 -30.69 19.93
C GLU C 89 -2.83 -29.70 20.02
N SER C 90 -3.96 -30.00 19.39
CA SER C 90 -5.13 -29.14 19.49
C SER C 90 -5.62 -29.12 20.94
N LYS C 91 -5.61 -30.27 21.59
CA LYS C 91 -5.90 -30.32 23.02
C LYS C 91 -4.92 -29.47 23.86
N MET C 92 -3.62 -29.55 23.59
CA MET C 92 -2.65 -28.73 24.35
C MET C 92 -2.82 -27.25 24.05
N THR C 93 -3.18 -26.94 22.82
CA THR C 93 -3.35 -25.58 22.41
C THR C 93 -4.56 -24.96 23.09
N MET C 94 -5.67 -25.69 23.08
CA MET C 94 -6.87 -25.24 23.78
C MET C 94 -6.66 -25.13 25.29
N ALA C 95 -5.95 -26.09 25.86
CA ALA C 95 -5.60 -26.00 27.28
C ALA C 95 -4.91 -24.68 27.61
N GLU C 96 -3.96 -24.26 26.78
CA GLU C 96 -3.27 -23.01 26.98
C GLU C 96 -4.26 -21.85 26.98
N VAL C 97 -5.18 -21.84 26.02
CA VAL C 97 -6.20 -20.80 25.94
C VAL C 97 -7.01 -20.83 27.22
N LEU C 98 -7.44 -22.01 27.64
CA LEU C 98 -8.30 -22.10 28.82
C LEU C 98 -7.61 -21.76 30.14
N GLU C 99 -6.31 -22.02 30.20
CA GLU C 99 -5.49 -21.65 31.37
C GLU C 99 -5.47 -20.14 31.56
N ASN C 100 -5.45 -19.42 30.44
CA ASN C 100 -5.35 -17.98 30.47
C ASN C 100 -6.37 -17.30 31.36
N GLN C 101 -5.89 -16.30 32.08
CA GLN C 101 -6.64 -15.59 33.10
C GLN C 101 -7.92 -14.91 32.55
N PHE C 102 -7.87 -14.46 31.29
CA PHE C 102 -8.96 -13.73 30.66
C PHE C 102 -9.99 -14.65 30.03
N MET C 103 -9.82 -15.97 30.17
CA MET C 103 -10.77 -16.91 29.61
C MET C 103 -11.81 -17.41 30.60
N ARG C 104 -11.65 -17.15 31.88
CA ARG C 104 -12.51 -17.78 32.85
C ARG C 104 -13.97 -17.43 32.57
N ASP C 105 -14.86 -18.42 32.62
CA ASP C 105 -16.32 -18.25 32.35
C ASP C 105 -16.79 -17.87 30.93
N LYS C 106 -15.86 -17.76 29.98
CA LYS C 106 -16.23 -17.44 28.64
C LYS C 106 -16.55 -18.71 27.85
N PRO C 107 -17.65 -18.72 27.11
CA PRO C 107 -18.03 -19.90 26.40
C PRO C 107 -17.25 -20.16 25.12
N ILE C 108 -17.15 -21.45 24.75
CA ILE C 108 -16.44 -21.93 23.56
C ILE C 108 -17.40 -22.69 22.70
N CYS C 109 -17.47 -22.29 21.45
CA CYS C 109 -18.13 -23.07 20.41
C CYS C 109 -17.07 -23.88 19.66
N ILE C 110 -17.15 -25.21 19.71
CA ILE C 110 -16.14 -26.04 19.08
C ILE C 110 -16.71 -26.62 17.78
N PHE C 111 -16.05 -26.30 16.66
CA PHE C 111 -16.52 -26.80 15.38
C PHE C 111 -15.65 -27.97 14.99
N ALA C 112 -16.28 -29.14 14.88
CA ALA C 112 -15.65 -30.34 14.46
C ALA C 112 -15.70 -30.29 12.95
N ASN C 113 -14.70 -29.64 12.35
CA ASN C 113 -14.77 -29.29 10.92
C ASN C 113 -14.32 -30.41 9.98
N LYS C 114 -14.72 -30.30 8.71
CA LYS C 114 -14.32 -31.24 7.67
C LYS C 114 -15.06 -32.58 7.71
N GLN C 115 -16.36 -32.54 7.99
CA GLN C 115 -17.18 -33.77 8.08
C GLN C 115 -17.43 -34.42 6.73
N ASP C 116 -17.12 -33.71 5.63
CA ASP C 116 -17.20 -34.28 4.27
C ASP C 116 -16.09 -35.31 4.03
N LEU C 117 -14.99 -35.20 4.77
CA LEU C 117 -13.88 -36.14 4.61
C LEU C 117 -14.17 -37.49 5.29
N PRO C 118 -13.82 -38.57 4.62
CA PRO C 118 -14.24 -39.88 5.13
C PRO C 118 -13.70 -40.26 6.50
N THR C 119 -12.60 -39.64 6.94
CA THR C 119 -12.02 -39.94 8.25
C THR C 119 -12.55 -39.08 9.38
N ALA C 120 -13.53 -38.25 9.08
CA ALA C 120 -14.03 -37.24 10.02
C ALA C 120 -14.57 -37.84 11.32
N ALA C 121 -14.01 -37.45 12.46
CA ALA C 121 -14.46 -37.93 13.76
C ALA C 121 -15.77 -37.26 14.20
N PRO C 122 -16.70 -38.05 14.79
CA PRO C 122 -17.93 -37.44 15.30
C PRO C 122 -17.66 -36.65 16.57
N ALA C 123 -18.67 -35.89 17.00
CA ALA C 123 -18.53 -34.96 18.12
C ALA C 123 -18.02 -35.65 19.38
N ALA C 124 -18.48 -36.87 19.62
CA ALA C 124 -18.02 -37.65 20.78
C ALA C 124 -16.48 -37.74 20.73
N GLU C 125 -15.95 -38.34 19.67
CA GLU C 125 -14.49 -38.48 19.51
C GLU C 125 -13.73 -37.15 19.78
N VAL C 126 -14.25 -36.06 19.25
CA VAL C 126 -13.57 -34.78 19.42
C VAL C 126 -13.61 -34.27 20.87
N VAL C 127 -14.69 -34.55 21.58
CA VAL C 127 -14.71 -34.29 23.02
C VAL C 127 -13.59 -35.03 23.74
N LYS C 128 -13.45 -36.32 23.48
CA LYS C 128 -12.33 -37.11 24.06
C LYS C 128 -11.00 -36.51 23.61
N GLY C 129 -10.91 -36.27 22.32
CA GLY C 129 -9.66 -35.79 21.71
C GLY C 129 -9.20 -34.45 22.23
N LEU C 130 -10.10 -33.54 22.51
CA LEU C 130 -9.68 -32.24 23.06
C LEU C 130 -9.63 -32.22 24.59
N GLY C 131 -9.93 -33.36 25.21
CA GLY C 131 -9.90 -33.50 26.67
C GLY C 131 -10.82 -32.49 27.32
N LEU C 132 -12.07 -32.45 26.85
CA LEU C 132 -13.07 -31.47 27.27
C LEU C 132 -13.87 -31.99 28.45
N ALA C 133 -13.73 -33.28 28.75
CA ALA C 133 -14.35 -33.83 29.95
C ALA C 133 -14.04 -32.93 31.18
N THR C 134 -12.87 -32.28 31.17
CA THR C 134 -12.37 -31.55 32.35
C THR C 134 -12.54 -30.05 32.21
N CYS C 135 -12.86 -29.62 31.00
CA CYS C 135 -13.08 -28.18 30.72
C CYS C 135 -14.27 -27.65 31.51
N ARG C 136 -14.14 -26.50 32.19
N ARG C 136 -14.14 -26.49 32.15
CA ARG C 136 -15.27 -25.92 32.94
CA ARG C 136 -15.22 -25.93 32.96
C ARG C 136 -15.78 -24.62 32.33
C ARG C 136 -15.74 -24.62 32.35
N ASN C 137 -15.34 -24.33 31.12
CA ASN C 137 -15.92 -23.25 30.36
C ASN C 137 -17.07 -23.90 29.65
N SER C 138 -18.20 -23.26 29.71
CA SER C 138 -19.34 -23.78 28.97
C SER C 138 -18.97 -23.95 27.50
N HIS C 139 -19.38 -25.04 26.88
CA HIS C 139 -18.97 -25.37 25.52
C HIS C 139 -19.82 -26.39 24.89
N ASN C 140 -19.83 -26.36 23.58
CA ASN C 140 -20.60 -27.33 22.81
C ASN C 140 -19.82 -27.61 21.54
N VAL C 141 -20.00 -28.78 20.98
CA VAL C 141 -19.28 -29.18 19.81
C VAL C 141 -20.30 -29.31 18.73
N PHE C 142 -19.99 -28.77 17.57
CA PHE C 142 -20.84 -28.88 16.45
C PHE C 142 -20.01 -29.44 15.31
N PRO C 143 -20.42 -30.58 14.77
CA PRO C 143 -19.81 -30.99 13.52
C PRO C 143 -20.27 -30.07 12.39
N CYS C 144 -19.40 -29.83 11.42
CA CYS C 144 -19.71 -28.95 10.30
C CYS C 144 -18.77 -29.17 9.13
N THR C 145 -19.12 -28.51 8.03
CA THR C 145 -18.36 -28.57 6.80
C THR C 145 -18.28 -27.13 6.33
N ALA C 146 -17.14 -26.51 6.61
CA ALA C 146 -16.90 -25.16 6.23
C ALA C 146 -16.81 -25.03 4.72
N LYS C 147 -16.36 -26.09 4.05
CA LYS C 147 -16.22 -26.07 2.60
C LYS C 147 -17.22 -27.03 1.97
N MET C 148 -18.46 -26.57 1.77
CA MET C 148 -19.46 -27.38 1.07
C MET C 148 -19.13 -27.37 -0.42
N PRO C 149 -19.60 -28.40 -1.16
CA PRO C 149 -19.25 -28.53 -2.59
C PRO C 149 -19.66 -27.35 -3.47
N ALA C 150 -19.24 -27.41 -4.74
CA ALA C 150 -19.65 -26.43 -5.74
C ALA C 150 -21.17 -26.37 -5.82
N GLY C 151 -21.70 -25.18 -5.57
CA GLY C 151 -23.13 -24.90 -5.78
C GLY C 151 -24.00 -25.04 -4.55
N GLN C 152 -23.50 -25.70 -3.51
CA GLN C 152 -24.33 -26.06 -2.38
C GLN C 152 -24.45 -24.89 -1.46
N ASP C 153 -25.54 -24.85 -0.69
CA ASP C 153 -25.71 -23.85 0.36
C ASP C 153 -24.67 -24.13 1.42
N VAL C 154 -24.30 -23.09 2.16
CA VAL C 154 -23.40 -23.29 3.28
C VAL C 154 -24.10 -24.13 4.32
N ASP C 155 -23.30 -24.72 5.19
CA ASP C 155 -23.78 -25.65 6.16
C ASP C 155 -24.47 -24.87 7.25
N HIS C 156 -25.76 -25.12 7.40
CA HIS C 156 -26.56 -24.50 8.42
C HIS C 156 -25.98 -24.70 9.79
N ARG C 157 -25.18 -25.76 9.97
CA ARG C 157 -24.63 -26.01 11.30
C ARG C 157 -23.68 -24.89 11.80
N LEU C 158 -23.08 -24.13 10.90
CA LEU C 158 -22.18 -23.02 11.32
C LEU C 158 -22.98 -21.97 12.07
N ARG C 159 -24.14 -21.63 11.50
CA ARG C 159 -25.00 -20.63 12.09
C ARG C 159 -25.58 -21.13 13.38
N ASP C 160 -25.98 -22.39 13.38
CA ASP C 160 -26.47 -23.08 14.59
C ASP C 160 -25.43 -22.93 15.67
N GLY C 161 -24.17 -23.20 15.39
CA GLY C 161 -23.13 -23.04 16.39
C GLY C 161 -23.04 -21.62 16.88
N LEU C 162 -22.99 -20.67 15.95
CA LEU C 162 -22.95 -19.27 16.28
C LEU C 162 -24.14 -18.90 17.17
N LYS C 163 -25.32 -19.42 16.90
CA LYS C 163 -26.53 -19.08 17.67
C LYS C 163 -26.46 -19.61 19.10
N TRP C 164 -25.93 -20.79 19.25
CA TRP C 164 -25.70 -21.28 20.56
C TRP C 164 -24.76 -20.34 21.29
N LEU C 165 -23.68 -19.89 20.64
CA LEU C 165 -22.66 -19.09 21.33
C LEU C 165 -23.26 -17.76 21.74
N VAL C 166 -23.91 -17.13 20.77
CA VAL C 166 -24.42 -15.81 21.01
C VAL C 166 -25.45 -15.90 22.12
N GLY C 167 -26.36 -16.88 22.08
CA GLY C 167 -27.31 -17.10 23.16
C GLY C 167 -26.65 -17.36 24.51
N THR C 168 -25.52 -18.06 24.52
CA THR C 168 -24.80 -18.24 25.77
C THR C 168 -24.21 -16.91 26.28
N VAL C 169 -23.66 -16.11 25.38
CA VAL C 169 -23.11 -14.84 25.77
C VAL C 169 -24.26 -13.93 26.19
N ASP C 170 -25.37 -13.98 25.46
CA ASP C 170 -26.51 -13.17 25.80
C ASP C 170 -26.99 -13.31 27.25
N ARG C 171 -27.17 -14.55 27.72
CA ARG C 171 -27.66 -14.81 29.09
C ARG C 171 -26.72 -14.24 30.15
N GLU C 172 -25.45 -14.19 29.87
CA GLU C 172 -24.51 -13.70 30.87
C GLU C 172 -24.02 -12.30 30.51
N PHE C 173 -24.63 -11.67 29.51
CA PHE C 173 -24.07 -10.43 28.98
C PHE C 173 -23.92 -9.33 30.03
N GLY C 174 -24.86 -9.32 30.97
CA GLY C 174 -24.87 -8.31 32.04
C GLY C 174 -23.62 -8.34 32.91
N ARG C 175 -23.10 -9.54 33.14
CA ARG C 175 -21.91 -9.73 33.94
C ARG C 175 -20.69 -9.72 33.05
N LEU C 176 -20.79 -10.41 31.93
CA LEU C 176 -19.66 -10.61 31.05
C LEU C 176 -19.11 -9.35 30.36
N ASP C 177 -20.02 -8.50 29.86
CA ASP C 177 -19.61 -7.38 29.01
C ASP C 177 -18.79 -6.34 29.76
N PRO C 178 -19.22 -5.95 30.98
CA PRO C 178 -18.43 -5.03 31.79
C PRO C 178 -17.03 -5.58 32.04
N ARG C 179 -16.96 -6.86 32.39
CA ARG C 179 -15.69 -7.51 32.62
C ARG C 179 -14.83 -7.39 31.35
N VAL C 180 -15.40 -7.74 30.22
CA VAL C 180 -14.62 -7.64 28.98
C VAL C 180 -14.15 -6.21 28.73
N GLN C 181 -15.06 -5.25 28.87
CA GLN C 181 -14.72 -3.86 28.68
C GLN C 181 -13.65 -3.37 29.66
N THR C 182 -13.77 -3.76 30.92
CA THR C 182 -12.81 -3.36 31.92
C THR C 182 -11.46 -3.98 31.65
N GLU C 183 -11.46 -5.30 31.42
CA GLU C 183 -10.23 -6.05 31.26
C GLU C 183 -9.57 -5.69 29.94
N ALA C 184 -10.36 -5.47 28.89
CA ALA C 184 -9.82 -5.08 27.60
C ALA C 184 -9.08 -3.77 27.69
N GLU C 185 -9.67 -2.75 28.32
CA GLU C 185 -8.98 -1.46 28.50
C GLU C 185 -7.73 -1.52 29.40
N GLU C 186 -7.79 -2.34 30.46
CA GLU C 186 -6.63 -2.61 31.31
C GLU C 186 -5.44 -3.15 30.50
N VAL C 187 -5.71 -4.11 29.60
CA VAL C 187 -4.67 -4.67 28.72
C VAL C 187 -4.22 -3.65 27.66
N ARG C 188 -5.17 -2.89 27.13
CA ARG C 188 -4.91 -1.88 26.08
C ARG C 188 -4.09 -0.71 26.61
N GLN C 189 -4.46 -0.19 27.77
CA GLN C 189 -3.75 0.94 28.38
C GLN C 189 -2.33 0.53 28.81
N GLU C 190 -2.14 -0.77 29.09
CA GLU C 190 -0.84 -1.36 29.48
C GLU C 190 0.17 -1.37 28.31
N GLU C 191 -0.30 -1.75 27.12
CA GLU C 191 0.55 -1.84 25.91
C GLU C 191 0.95 -0.46 25.35
N ALA C 192 0.45 0.60 25.97
CA ALA C 192 0.99 1.95 25.78
C ALA C 192 2.48 2.04 26.19
N ARG C 193 2.91 1.25 27.18
CA ARG C 193 4.31 1.20 27.62
C ARG C 193 4.91 2.58 27.82
PG GNP D . 12.71 4.13 -1.56
O1G GNP D . 12.20 4.51 -3.05
O2G GNP D . 11.51 3.98 -0.56
O3G GNP D . 13.79 5.15 -1.18
N3B GNP D . 13.32 2.55 -1.65
PB GNP D . 12.34 1.35 -2.34
O1B GNP D . 11.42 1.91 -3.54
O2B GNP D . 11.54 0.77 -1.20
O3A GNP D . 13.43 0.30 -2.82
PA GNP D . 13.71 -0.21 -4.30
O1A GNP D . 14.31 0.98 -4.92
O2A GNP D . 12.45 -0.84 -4.80
O5' GNP D . 14.78 -1.33 -3.95
C5' GNP D . 15.91 -1.00 -3.10
C4' GNP D . 17.12 -1.91 -3.43
O4' GNP D . 16.73 -3.26 -3.13
C3' GNP D . 17.46 -1.99 -4.91
O3' GNP D . 18.80 -2.42 -5.16
C2' GNP D . 16.63 -3.13 -5.41
O2' GNP D . 17.13 -3.74 -6.56
C1' GNP D . 16.79 -4.09 -4.28
N9 GNP D . 15.77 -5.14 -4.18
C8 GNP D . 14.46 -4.94 -4.24
N7 GNP D . 13.79 -6.09 -4.06
C5 GNP D . 14.70 -7.05 -3.89
C6 GNP D . 14.62 -8.51 -3.69
O6 GNP D . 13.53 -9.11 -3.63
N1 GNP D . 15.75 -9.16 -3.53
C2 GNP D . 16.97 -8.54 -3.58
N2 GNP D . 18.05 -9.32 -3.44
N3 GNP D . 17.14 -7.20 -3.78
C4 GNP D . 16.02 -6.43 -3.98
MG MG E . 11.06 3.64 -4.46
S SO4 F . -13.05 -9.72 -6.56
O1 SO4 F . -12.52 -8.64 -7.41
O2 SO4 F . -12.90 -11.01 -7.30
O3 SO4 F . -12.32 -9.74 -5.25
O4 SO4 F . -14.48 -9.49 -6.29
PG GNP G . 16.76 30.37 -19.92
O1G GNP G . 17.19 29.82 -21.35
O2G GNP G . 15.42 29.73 -19.38
O3G GNP G . 16.76 31.84 -19.88
N3B GNP G . 18.00 29.94 -18.84
PB GNP G . 18.43 28.31 -18.74
O1B GNP G . 18.39 27.54 -20.13
O2B GNP G . 17.46 27.71 -17.80
O3A GNP G . 19.90 28.32 -18.08
PA GNP G . 21.26 28.10 -18.83
O1A GNP G . 21.40 29.23 -19.75
O2A GNP G . 21.39 26.66 -19.26
O5' GNP G . 22.23 28.31 -17.60
C5' GNP G . 22.17 29.60 -16.96
C4' GNP G . 23.51 29.90 -16.34
O4' GNP G . 23.75 28.91 -15.31
C3' GNP G . 24.64 29.72 -17.35
O3' GNP G . 25.63 30.65 -17.00
C2' GNP G . 25.19 28.32 -17.06
O2' GNP G . 26.53 28.09 -17.48
C1' GNP G . 24.96 28.21 -15.56
N9 GNP G . 24.80 26.80 -15.14
C8 GNP G . 24.05 25.85 -15.70
N7 GNP G . 24.15 24.69 -15.02
C5 GNP G . 25.00 24.88 -14.03
C6 GNP G . 25.56 24.03 -12.99
O6 GNP G . 25.25 22.81 -12.87
N1 GNP G . 26.41 24.62 -12.15
C2 GNP G . 26.76 25.92 -12.24
N2 GNP G . 27.63 26.44 -11.34
N3 GNP G . 26.27 26.76 -13.19
C4 GNP G . 25.41 26.27 -14.10
MG MG H . 17.71 28.08 -22.06
S SO4 I . 21.52 10.62 -27.84
O1 SO4 I . 22.47 11.70 -27.51
O2 SO4 I . 21.09 10.76 -29.25
O3 SO4 I . 22.09 9.26 -27.68
O4 SO4 I . 20.38 10.68 -26.89
PG GNP J . -4.44 -20.98 9.18
O1G GNP J . -4.99 -19.62 8.51
O2G GNP J . -4.69 -20.95 10.73
O3G GNP J . -3.01 -21.19 8.86
N3B GNP J . -5.41 -22.11 8.37
PB GNP J . -7.08 -22.06 8.57
O1B GNP J . -7.82 -20.66 8.24
O2B GNP J . -7.53 -22.50 9.91
O3A GNP J . -7.50 -23.07 7.42
PA GNP J . -8.15 -22.53 6.08
O1A GNP J . -7.19 -21.78 5.24
O2A GNP J . -9.46 -21.84 6.39
O5' GNP J . -8.33 -24.02 5.53
C5' GNP J . -7.16 -24.78 5.13
C4' GNP J . -7.50 -25.79 4.03
O4' GNP J . -8.57 -26.63 4.50
C3' GNP J . -8.03 -25.16 2.74
O3' GNP J . -7.70 -25.91 1.56
C2' GNP J . -9.53 -25.30 2.89
O2' GNP J . -10.22 -25.21 1.65
C1' GNP J . -9.62 -26.66 3.55
N9 GNP J . -10.94 -26.88 4.21
C8 GNP J . -11.49 -26.05 5.13
N7 GNP J . -12.68 -26.54 5.54
C5 GNP J . -12.88 -27.70 4.88
C6 GNP J . -13.97 -28.68 4.86
O6 GNP J . -14.96 -28.52 5.58
N1 GNP J . -13.85 -29.73 4.07
C2 GNP J . -12.78 -29.94 3.26
N2 GNP J . -12.81 -31.07 2.49
N3 GNP J . -11.73 -29.06 3.21
C4 GNP J . -11.75 -27.93 3.99
MG MG K . -6.70 -18.85 8.34
S SO4 L . -31.56 -5.41 27.11
O1 SO4 L . -32.40 -4.18 27.03
O2 SO4 L . -30.16 -4.95 27.11
O3 SO4 L . -31.87 -6.17 28.36
O4 SO4 L . -31.86 -6.30 25.97
#